data_8GXJ
#
_entry.id   8GXJ
#
_cell.length_a   100.250
_cell.length_b   100.250
_cell.length_c   147.660
_cell.angle_alpha   90.000
_cell.angle_beta   90.000
_cell.angle_gamma   90.000
#
_symmetry.space_group_name_H-M   'P 41 21 2'
#
loop_
_entity.id
_entity.type
_entity.pdbx_description
1 polymer 'N-acetyltransferase domain-containing protein'
2 water water
#
_entity_poly.entity_id   1
_entity_poly.type   'polypeptide(L)'
_entity_poly.pdbx_seq_one_letter_code
;MSRRAPMFKPLPITLQRGALRLEPLVEADIPELVSLAEANREALQYMDGPTRPDWYRQSLAEQREGRALPLAVRLGVQLV
GTTRFAEFLPALPACEIGWTWLDQAQHGSGLNRMIKYLMLKHAFDNLRMVRVQLSTAASNLRAQGAIDKLGAQREGVLRN
HRRLAGGRLDDTFVYSITDHEWPQVKAALEASFTG
;
_entity_poly.pdbx_strand_id   A,B,C,D
#
# COMPACT_ATOMS: atom_id res chain seq x y z
N MET A 7 -4.77 7.78 -26.20
CA MET A 7 -4.85 6.88 -27.34
C MET A 7 -3.88 5.69 -27.18
N PHE A 8 -4.37 4.62 -26.56
CA PHE A 8 -3.65 3.36 -26.41
C PHE A 8 -4.46 2.27 -27.09
N LYS A 9 -3.85 1.58 -28.06
CA LYS A 9 -4.47 0.42 -28.69
C LYS A 9 -3.47 -0.73 -28.69
N PRO A 10 -3.76 -1.83 -28.01
CA PRO A 10 -2.82 -2.97 -27.99
C PRO A 10 -2.74 -3.66 -29.34
N LEU A 11 -1.53 -3.95 -29.78
CA LEU A 11 -1.34 -4.70 -31.02
C LEU A 11 -0.94 -6.14 -30.74
N PRO A 12 -1.24 -7.08 -31.65
CA PRO A 12 -0.84 -8.47 -31.43
C PRO A 12 0.66 -8.60 -31.31
N ILE A 13 1.08 -9.56 -30.50
CA ILE A 13 2.49 -9.74 -30.18
C ILE A 13 2.80 -11.23 -30.10
N THR A 14 3.93 -11.62 -30.67
CA THR A 14 4.51 -12.92 -30.42
C THR A 14 5.80 -12.70 -29.65
N LEU A 15 5.97 -13.41 -28.55
CA LEU A 15 7.19 -13.35 -27.76
C LEU A 15 7.88 -14.70 -27.80
N GLN A 16 9.20 -14.70 -27.86
CA GLN A 16 9.97 -15.94 -27.94
C GLN A 16 11.18 -15.88 -27.01
N ARG A 17 11.56 -17.05 -26.51
CA ARG A 17 12.91 -17.29 -25.99
C ARG A 17 13.18 -18.78 -26.12
N GLY A 18 14.11 -19.13 -27.00
CA GLY A 18 14.38 -20.51 -27.30
C GLY A 18 13.14 -21.17 -27.87
N ALA A 19 12.89 -22.41 -27.43
CA ALA A 19 11.70 -23.14 -27.86
C ALA A 19 10.39 -22.58 -27.30
N LEU A 20 10.42 -21.59 -26.40
CA LEU A 20 9.19 -21.05 -25.81
C LEU A 20 8.66 -19.90 -26.67
N ARG A 21 7.46 -20.08 -27.21
CA ARG A 21 6.79 -19.06 -28.01
C ARG A 21 5.43 -18.73 -27.39
N LEU A 22 5.17 -17.45 -27.22
CA LEU A 22 3.84 -16.94 -26.90
C LEU A 22 3.29 -16.30 -28.18
N GLU A 23 2.19 -16.82 -28.69
CA GLU A 23 1.60 -16.33 -29.93
C GLU A 23 0.13 -16.01 -29.69
N PRO A 24 -0.45 -15.14 -30.52
CA PRO A 24 -1.87 -14.81 -30.35
C PRO A 24 -2.71 -16.07 -30.43
N LEU A 25 -3.59 -16.22 -29.44
CA LEU A 25 -4.60 -17.27 -29.46
C LEU A 25 -5.52 -17.09 -30.65
N VAL A 26 -5.83 -18.19 -31.33
CA VAL A 26 -6.79 -18.22 -32.44
C VAL A 26 -7.82 -19.29 -32.12
N GLU A 27 -8.93 -19.26 -32.85
CA GLU A 27 -10.01 -20.22 -32.62
C GLU A 27 -9.56 -21.67 -32.85
N ALA A 28 -8.69 -21.91 -33.83
CA ALA A 28 -8.25 -23.27 -34.16
C ALA A 28 -7.47 -23.93 -33.04
N ASP A 29 -7.01 -23.16 -32.04
CA ASP A 29 -6.33 -23.70 -30.88
C ASP A 29 -7.28 -24.21 -29.81
N ILE A 30 -8.54 -23.75 -29.82
CA ILE A 30 -9.42 -23.98 -28.66
C ILE A 30 -9.61 -25.47 -28.40
N PRO A 31 -9.94 -26.31 -29.39
CA PRO A 31 -10.08 -27.75 -29.10
C PRO A 31 -8.89 -28.35 -28.38
N GLU A 32 -7.67 -28.10 -28.86
CA GLU A 32 -6.49 -28.70 -28.24
C GLU A 32 -6.28 -28.15 -26.83
N LEU A 33 -6.52 -26.85 -26.62
CA LEU A 33 -6.36 -26.26 -25.30
C LEU A 33 -7.39 -26.80 -24.32
N VAL A 34 -8.66 -26.85 -24.74
CA VAL A 34 -9.70 -27.45 -23.91
C VAL A 34 -9.31 -28.86 -23.51
N SER A 35 -8.87 -29.66 -24.48
CA SER A 35 -8.49 -31.04 -24.20
C SER A 35 -7.34 -31.11 -23.20
N LEU A 36 -6.30 -30.29 -23.41
CA LEU A 36 -5.17 -30.26 -22.48
C LEU A 36 -5.61 -29.75 -21.10
N ALA A 37 -6.50 -28.76 -21.05
CA ALA A 37 -6.95 -28.28 -19.75
C ALA A 37 -7.68 -29.37 -18.99
N GLU A 38 -8.49 -30.18 -19.70
CA GLU A 38 -9.24 -31.24 -19.04
C GLU A 38 -8.31 -32.27 -18.42
N ALA A 39 -7.22 -32.61 -19.11
CA ALA A 39 -6.22 -33.48 -18.54
C ALA A 39 -5.49 -32.83 -17.36
N ASN A 40 -5.61 -31.51 -17.20
CA ASN A 40 -5.03 -30.78 -16.07
C ASN A 40 -6.10 -30.23 -15.13
N ARG A 41 -7.25 -30.92 -15.06
CA ARG A 41 -8.42 -30.45 -14.34
C ARG A 41 -8.10 -30.08 -12.89
N GLU A 42 -7.37 -30.96 -12.21
CA GLU A 42 -7.14 -30.83 -10.78
C GLU A 42 -6.20 -29.67 -10.46
N ALA A 43 -5.24 -29.39 -11.34
CA ALA A 43 -4.36 -28.24 -11.14
C ALA A 43 -5.07 -26.92 -11.37
N LEU A 44 -6.23 -26.94 -12.05
CA LEU A 44 -6.97 -25.73 -12.37
C LEU A 44 -8.05 -25.39 -11.36
N GLN A 45 -7.97 -25.95 -10.15
CA GLN A 45 -9.05 -25.77 -9.17
C GLN A 45 -9.24 -24.30 -8.77
N TYR A 46 -8.25 -23.43 -9.00
CA TYR A 46 -8.36 -22.04 -8.56
C TYR A 46 -8.77 -21.06 -9.67
N MET A 47 -8.89 -21.50 -10.92
CA MET A 47 -9.42 -20.68 -12.00
C MET A 47 -10.63 -21.37 -12.60
N ASP A 48 -11.75 -20.67 -12.66
CA ASP A 48 -12.97 -21.24 -13.21
C ASP A 48 -13.06 -20.86 -14.68
N GLY A 49 -12.97 -21.83 -15.57
CA GLY A 49 -13.11 -21.52 -16.97
C GLY A 49 -12.28 -22.28 -17.98
N PRO A 50 -10.98 -22.50 -17.72
CA PRO A 50 -10.11 -23.05 -18.78
C PRO A 50 -10.51 -24.44 -19.30
N THR A 51 -11.41 -25.16 -18.65
CA THR A 51 -11.89 -26.39 -19.27
C THR A 51 -13.14 -26.18 -20.11
N ARG A 52 -13.63 -24.94 -20.23
CA ARG A 52 -14.80 -24.77 -21.08
C ARG A 52 -14.42 -24.05 -22.37
N PRO A 53 -14.93 -24.50 -23.52
CA PRO A 53 -14.63 -23.78 -24.77
C PRO A 53 -15.04 -22.33 -24.74
N ASP A 54 -16.12 -22.01 -24.03
CA ASP A 54 -16.60 -20.64 -23.97
C ASP A 54 -15.55 -19.69 -23.38
N TRP A 55 -14.74 -20.18 -22.45
CA TRP A 55 -13.73 -19.33 -21.81
C TRP A 55 -12.76 -18.76 -22.82
N TYR A 56 -12.34 -19.57 -23.78
CA TYR A 56 -11.43 -19.12 -24.81
C TYR A 56 -12.15 -18.27 -25.85
N ARG A 57 -13.43 -18.54 -26.09
CA ARG A 57 -14.19 -17.66 -26.98
C ARG A 57 -14.37 -16.29 -26.35
N GLN A 58 -14.58 -16.23 -25.03
CA GLN A 58 -14.74 -14.92 -24.42
C GLN A 58 -13.42 -14.17 -24.35
N SER A 59 -12.29 -14.88 -24.28
CA SER A 59 -11.03 -14.16 -24.34
C SER A 59 -10.79 -13.60 -25.73
N LEU A 60 -11.31 -14.27 -26.76
CA LEU A 60 -11.21 -13.75 -28.13
C LEU A 60 -12.20 -12.61 -28.36
N ALA A 61 -13.38 -12.68 -27.75
CA ALA A 61 -14.30 -11.55 -27.80
C ALA A 61 -13.69 -10.30 -27.17
N GLU A 62 -13.11 -10.44 -25.97
CA GLU A 62 -12.49 -9.27 -25.34
C GLU A 62 -11.38 -8.73 -26.22
N GLN A 63 -10.64 -9.61 -26.90
CA GLN A 63 -9.61 -9.12 -27.81
C GLN A 63 -10.23 -8.29 -28.93
N ARG A 64 -11.38 -8.74 -29.45
CA ARG A 64 -12.03 -8.02 -30.56
C ARG A 64 -12.45 -6.61 -30.15
N GLU A 65 -12.79 -6.39 -28.87
CA GLU A 65 -12.98 -5.01 -28.40
C GLU A 65 -11.72 -4.41 -27.80
N GLY A 66 -10.55 -4.96 -28.10
CA GLY A 66 -9.33 -4.34 -27.59
C GLY A 66 -9.25 -4.30 -26.08
N ARG A 67 -9.88 -5.27 -25.40
CA ARG A 67 -9.78 -5.44 -23.96
C ARG A 67 -8.83 -6.55 -23.54
N ALA A 68 -8.24 -7.31 -24.47
CA ALA A 68 -7.29 -8.32 -24.05
C ALA A 68 -6.40 -8.70 -25.22
N LEU A 69 -5.27 -9.32 -24.89
CA LEU A 69 -4.41 -9.98 -25.87
C LEU A 69 -4.13 -11.37 -25.33
N PRO A 70 -5.00 -12.34 -25.62
CA PRO A 70 -4.79 -13.70 -25.14
C PRO A 70 -3.72 -14.40 -25.96
N LEU A 71 -2.93 -15.22 -25.29
CA LEU A 71 -1.78 -15.86 -25.91
C LEU A 71 -1.83 -17.36 -25.69
N ALA A 72 -1.50 -18.11 -26.75
CA ALA A 72 -1.23 -19.53 -26.62
C ALA A 72 0.25 -19.72 -26.34
N VAL A 73 0.56 -20.64 -25.42
CA VAL A 73 1.92 -20.96 -25.05
C VAL A 73 2.34 -22.24 -25.78
N ARG A 74 3.38 -22.16 -26.60
CA ARG A 74 3.93 -23.32 -27.29
C ARG A 74 5.37 -23.55 -26.87
N LEU A 75 5.73 -24.82 -26.71
CA LEU A 75 7.13 -25.23 -26.61
C LEU A 75 7.45 -26.01 -27.85
N GLY A 76 8.33 -25.45 -28.69
CA GLY A 76 8.48 -26.06 -29.99
C GLY A 76 7.17 -25.96 -30.75
N VAL A 77 6.54 -27.09 -31.01
CA VAL A 77 5.35 -27.10 -31.86
C VAL A 77 4.11 -27.29 -31.00
N GLN A 78 4.28 -27.94 -29.85
CA GLN A 78 3.15 -28.37 -29.05
C GLN A 78 2.60 -27.22 -28.20
N LEU A 79 1.28 -27.07 -28.23
CA LEU A 79 0.58 -26.23 -27.27
C LEU A 79 0.80 -26.74 -25.85
N VAL A 80 0.90 -25.83 -24.90
CA VAL A 80 1.29 -26.17 -23.54
C VAL A 80 0.41 -25.38 -22.57
N GLY A 81 -0.30 -24.38 -23.07
CA GLY A 81 -1.21 -23.65 -22.20
C GLY A 81 -1.46 -22.25 -22.74
N THR A 82 -1.93 -21.39 -21.85
CA THR A 82 -2.36 -20.05 -22.24
C THR A 82 -2.04 -19.03 -21.17
N THR A 83 -2.02 -17.76 -21.58
CA THR A 83 -1.87 -16.62 -20.71
C THR A 83 -2.39 -15.41 -21.47
N ARG A 84 -2.63 -14.30 -20.76
CA ARG A 84 -3.14 -13.13 -21.47
C ARG A 84 -2.72 -11.87 -20.75
N PHE A 85 -2.63 -10.79 -21.54
CA PHE A 85 -2.78 -9.42 -21.06
C PHE A 85 -4.28 -9.09 -21.07
N ALA A 86 -4.75 -8.38 -20.06
CA ALA A 86 -6.16 -8.03 -20.01
C ALA A 86 -6.37 -6.86 -19.05
N GLU A 87 -7.63 -6.49 -18.87
CA GLU A 87 -8.05 -5.39 -17.99
C GLU A 87 -7.27 -4.12 -18.31
N PHE A 88 -7.21 -3.79 -19.59
CA PHE A 88 -6.51 -2.59 -20.01
C PHE A 88 -7.13 -1.35 -19.38
N LEU A 89 -6.27 -0.49 -18.83
CA LEU A 89 -6.66 0.85 -18.39
C LEU A 89 -5.97 1.80 -19.36
N PRO A 90 -6.63 2.16 -20.46
CA PRO A 90 -5.91 2.82 -21.56
C PRO A 90 -5.38 4.20 -21.20
N ALA A 91 -6.02 4.90 -20.27
CA ALA A 91 -5.56 6.26 -19.97
C ALA A 91 -4.29 6.28 -19.12
N LEU A 92 -3.85 5.15 -18.56
CA LEU A 92 -2.69 5.17 -17.67
C LEU A 92 -1.39 5.10 -18.47
N PRO A 93 -1.15 4.09 -19.31
CA PRO A 93 -1.80 2.80 -19.56
C PRO A 93 -1.40 1.80 -18.47
N ALA A 94 -2.29 0.85 -18.18
CA ALA A 94 -2.05 -0.23 -17.23
C ALA A 94 -2.74 -1.48 -17.75
N CYS A 95 -2.28 -2.64 -17.27
CA CYS A 95 -2.98 -3.85 -17.60
C CYS A 95 -2.83 -4.86 -16.47
N GLU A 96 -3.34 -6.04 -16.72
CA GLU A 96 -3.20 -7.17 -15.83
C GLU A 96 -2.67 -8.35 -16.66
N ILE A 97 -1.76 -9.10 -16.06
CA ILE A 97 -1.25 -10.33 -16.63
C ILE A 97 -1.72 -11.48 -15.75
N GLY A 98 -2.14 -12.56 -16.37
CA GLY A 98 -2.63 -13.71 -15.62
C GLY A 98 -3.47 -14.61 -16.51
N TRP A 99 -4.44 -15.28 -15.89
CA TRP A 99 -5.27 -16.27 -16.58
C TRP A 99 -4.37 -17.31 -17.24
N THR A 100 -3.32 -17.65 -16.52
CA THR A 100 -2.26 -18.54 -17.00
C THR A 100 -2.53 -19.95 -16.51
N TRP A 101 -2.38 -20.91 -17.41
CA TRP A 101 -2.23 -22.28 -16.95
C TRP A 101 -1.29 -23.00 -17.91
N LEU A 102 -0.55 -23.98 -17.39
CA LEU A 102 0.35 -24.82 -18.16
C LEU A 102 0.04 -26.30 -17.93
N ASP A 103 0.27 -27.09 -18.96
CA ASP A 103 0.14 -28.54 -18.82
C ASP A 103 1.11 -29.06 -17.77
N GLN A 104 0.61 -29.96 -16.91
CA GLN A 104 1.37 -30.42 -15.75
C GLN A 104 2.75 -30.93 -16.11
N ALA A 105 2.99 -31.29 -17.37
CA ALA A 105 4.33 -31.70 -17.76
C ALA A 105 5.35 -30.57 -17.62
N GLN A 106 4.90 -29.32 -17.40
CA GLN A 106 5.77 -28.15 -17.25
C GLN A 106 5.68 -27.48 -15.87
N HIS A 107 5.07 -28.13 -14.88
CA HIS A 107 4.91 -27.59 -13.52
C HIS A 107 6.24 -27.69 -12.76
N GLY A 108 7.02 -26.62 -12.73
CA GLY A 108 8.26 -26.60 -12.00
C GLY A 108 9.51 -26.67 -12.84
N SER A 109 9.54 -26.01 -13.99
CA SER A 109 10.72 -25.98 -14.85
C SER A 109 11.21 -24.55 -15.08
N GLY A 110 10.66 -23.58 -14.35
CA GLY A 110 10.87 -22.17 -14.60
C GLY A 110 10.16 -21.66 -15.84
N LEU A 111 9.32 -22.48 -16.48
CA LEU A 111 8.55 -22.01 -17.62
C LEU A 111 7.62 -20.88 -17.21
N ASN A 112 6.91 -21.04 -16.08
CA ASN A 112 5.98 -20.01 -15.63
C ASN A 112 6.70 -18.69 -15.39
N ARG A 113 7.85 -18.73 -14.75
CA ARG A 113 8.62 -17.52 -14.47
C ARG A 113 9.13 -16.89 -15.77
N MET A 114 9.62 -17.71 -16.70
CA MET A 114 10.03 -17.18 -18.01
C MET A 114 8.88 -16.49 -18.73
N ILE A 115 7.67 -17.05 -18.63
CA ILE A 115 6.52 -16.45 -19.29
C ILE A 115 6.24 -15.08 -18.70
N LYS A 116 6.14 -14.99 -17.37
CA LYS A 116 5.91 -13.71 -16.72
C LYS A 116 7.00 -12.70 -17.10
N TYR A 117 8.26 -13.14 -17.21
CA TYR A 117 9.33 -12.23 -17.60
C TYR A 117 9.09 -11.66 -19.00
N LEU A 118 8.82 -12.53 -19.97
CA LEU A 118 8.60 -12.07 -21.34
C LEU A 118 7.46 -11.07 -21.41
N MET A 119 6.37 -11.36 -20.71
CA MET A 119 5.19 -10.50 -20.77
C MET A 119 5.42 -9.21 -20.01
N LEU A 120 6.05 -9.29 -18.83
CA LEU A 120 6.39 -8.09 -18.07
C LEU A 120 7.27 -7.16 -18.89
N LYS A 121 8.34 -7.71 -19.47
CA LYS A 121 9.22 -6.92 -20.30
C LYS A 121 8.44 -6.26 -21.43
N HIS A 122 7.57 -7.02 -22.09
CA HIS A 122 6.79 -6.41 -23.16
C HIS A 122 5.87 -5.31 -22.61
N ALA A 123 5.22 -5.58 -21.48
CA ALA A 123 4.30 -4.61 -20.89
C ALA A 123 5.01 -3.31 -20.54
N PHE A 124 6.13 -3.41 -19.83
CA PHE A 124 6.80 -2.20 -19.36
C PHE A 124 7.68 -1.58 -20.44
N ASP A 125 8.50 -2.40 -21.12
CA ASP A 125 9.49 -1.84 -22.05
C ASP A 125 8.86 -1.37 -23.36
N ASN A 126 7.83 -2.07 -23.84
CA ASN A 126 7.27 -1.72 -25.14
C ASN A 126 5.96 -0.97 -25.03
N LEU A 127 5.05 -1.43 -24.18
CA LEU A 127 3.80 -0.73 -24.02
C LEU A 127 3.89 0.43 -23.03
N ARG A 128 5.02 0.56 -22.33
CA ARG A 128 5.22 1.66 -21.40
C ARG A 128 4.14 1.69 -20.33
N MET A 129 3.58 0.53 -20.00
CA MET A 129 2.66 0.46 -18.88
C MET A 129 3.26 1.17 -17.68
N VAL A 130 2.43 1.93 -16.96
CA VAL A 130 2.86 2.48 -15.68
C VAL A 130 2.54 1.52 -14.55
N ARG A 131 1.79 0.46 -14.84
CA ARG A 131 1.35 -0.44 -13.77
C ARG A 131 0.95 -1.75 -14.41
N VAL A 132 1.48 -2.85 -13.90
CA VAL A 132 1.01 -4.18 -14.25
C VAL A 132 0.49 -4.88 -13.02
N GLN A 133 -0.77 -5.28 -13.05
CA GLN A 133 -1.39 -5.96 -11.93
C GLN A 133 -1.25 -7.46 -12.09
N LEU A 134 -1.03 -8.15 -10.98
CA LEU A 134 -1.15 -9.61 -10.91
C LEU A 134 -2.05 -9.91 -9.74
N SER A 135 -2.92 -10.89 -9.91
CA SER A 135 -3.82 -11.28 -8.84
C SER A 135 -4.02 -12.78 -8.87
N THR A 136 -4.49 -13.32 -7.76
CA THR A 136 -4.73 -14.75 -7.66
C THR A 136 -5.70 -14.98 -6.50
N ALA A 137 -6.23 -16.20 -6.44
CA ALA A 137 -7.17 -16.56 -5.40
C ALA A 137 -6.48 -16.53 -4.04
N ALA A 138 -7.21 -16.10 -3.02
CA ALA A 138 -6.63 -16.12 -1.68
C ALA A 138 -6.21 -17.52 -1.27
N SER A 139 -6.90 -18.55 -1.77
CA SER A 139 -6.62 -19.94 -1.46
C SER A 139 -5.44 -20.51 -2.24
N ASN A 140 -4.98 -19.82 -3.27
CA ASN A 140 -3.98 -20.37 -4.19
C ASN A 140 -2.60 -19.97 -3.69
N LEU A 141 -2.10 -20.74 -2.72
CA LEU A 141 -0.85 -20.39 -2.03
C LEU A 141 0.34 -20.50 -2.96
N ARG A 142 0.35 -21.52 -3.83
CA ARG A 142 1.46 -21.66 -4.77
C ARG A 142 1.59 -20.42 -5.65
N ALA A 143 0.46 -19.93 -6.17
CA ALA A 143 0.53 -18.75 -7.02
C ALA A 143 0.94 -17.51 -6.22
N GLN A 144 0.55 -17.44 -4.96
CA GLN A 144 0.99 -16.29 -4.16
C GLN A 144 2.50 -16.28 -4.00
N GLY A 145 3.10 -17.45 -3.83
CA GLY A 145 4.55 -17.51 -3.66
C GLY A 145 5.30 -17.22 -4.94
N ALA A 146 4.77 -17.66 -6.07
CA ALA A 146 5.43 -17.38 -7.34
C ALA A 146 5.35 -15.90 -7.69
N ILE A 147 4.23 -15.25 -7.40
CA ILE A 147 4.12 -13.82 -7.68
C ILE A 147 5.02 -13.00 -6.75
N ASP A 148 5.14 -13.43 -5.49
CA ASP A 148 6.07 -12.76 -4.58
C ASP A 148 7.51 -12.84 -5.11
N LYS A 149 7.93 -14.05 -5.55
CA LYS A 149 9.28 -14.22 -6.09
C LYS A 149 9.50 -13.44 -7.37
N LEU A 150 8.42 -13.15 -8.12
CA LEU A 150 8.51 -12.20 -9.22
C LEU A 150 9.03 -10.83 -8.76
N GLY A 151 8.80 -10.46 -7.52
CA GLY A 151 9.05 -9.11 -7.06
C GLY A 151 7.86 -8.18 -7.06
N ALA A 152 6.67 -8.68 -7.35
CA ALA A 152 5.49 -7.83 -7.22
C ALA A 152 5.20 -7.59 -5.75
N GLN A 153 4.54 -6.47 -5.45
CA GLN A 153 4.18 -6.13 -4.08
C GLN A 153 2.69 -6.38 -3.88
N ARG A 154 2.32 -7.06 -2.81
CA ARG A 154 0.90 -7.20 -2.53
C ARG A 154 0.33 -5.82 -2.25
N GLU A 155 -0.84 -5.57 -2.80
CA GLU A 155 -1.48 -4.29 -2.62
C GLU A 155 -2.78 -4.36 -1.86
N GLY A 156 -3.42 -5.52 -1.81
CA GLY A 156 -4.59 -5.65 -0.99
C GLY A 156 -5.20 -7.02 -1.13
N VAL A 157 -6.32 -7.20 -0.44
CA VAL A 157 -7.06 -8.46 -0.46
C VAL A 157 -8.53 -8.08 -0.66
N LEU A 158 -9.08 -8.45 -1.81
CA LEU A 158 -10.47 -8.13 -2.14
C LEU A 158 -11.37 -9.28 -1.67
N ARG A 159 -12.27 -8.98 -0.74
CA ARG A 159 -13.14 -10.01 -0.19
C ARG A 159 -14.28 -10.34 -1.15
N ASN A 160 -14.66 -11.63 -1.15
CA ASN A 160 -15.80 -12.15 -1.91
C ASN A 160 -15.72 -11.73 -3.37
N HIS A 161 -14.58 -11.99 -3.97
CA HIS A 161 -14.28 -11.36 -5.22
C HIS A 161 -14.16 -12.33 -6.38
N ARG A 162 -14.19 -13.63 -6.13
CA ARG A 162 -14.08 -14.62 -7.19
C ARG A 162 -14.72 -15.92 -6.74
N ARG A 163 -15.01 -16.79 -7.69
CA ARG A 163 -15.52 -18.12 -7.40
C ARG A 163 -14.55 -19.16 -7.97
N LEU A 164 -14.20 -20.14 -7.15
CA LEU A 164 -13.30 -21.22 -7.58
C LEU A 164 -14.09 -22.21 -8.44
N ALA A 165 -13.43 -23.30 -8.85
CA ALA A 165 -14.03 -24.24 -9.78
C ALA A 165 -15.36 -24.79 -9.26
N GLY A 166 -15.44 -25.11 -7.98
CA GLY A 166 -16.76 -25.56 -7.56
C GLY A 166 -17.84 -24.47 -7.49
N GLY A 167 -17.47 -23.20 -7.58
CA GLY A 167 -18.39 -22.11 -7.29
C GLY A 167 -18.28 -21.55 -5.89
N ARG A 168 -17.39 -22.09 -5.06
CA ARG A 168 -17.13 -21.53 -3.74
C ARG A 168 -16.54 -20.13 -3.86
N LEU A 169 -17.03 -19.23 -3.01
CA LEU A 169 -16.56 -17.85 -2.97
C LEU A 169 -15.16 -17.77 -2.36
N ASP A 170 -14.28 -17.00 -2.99
CA ASP A 170 -12.96 -16.75 -2.44
C ASP A 170 -12.57 -15.28 -2.56
N ASP A 171 -11.64 -14.87 -1.73
CA ASP A 171 -11.00 -13.56 -1.83
C ASP A 171 -9.93 -13.57 -2.92
N THR A 172 -9.45 -12.38 -3.26
CA THR A 172 -8.43 -12.20 -4.27
C THR A 172 -7.26 -11.44 -3.68
N PHE A 173 -6.05 -11.98 -3.81
CA PHE A 173 -4.85 -11.22 -3.48
C PHE A 173 -4.45 -10.45 -4.72
N VAL A 174 -4.21 -9.14 -4.57
CA VAL A 174 -3.84 -8.28 -5.68
C VAL A 174 -2.44 -7.75 -5.46
N TYR A 175 -1.61 -7.87 -6.50
CA TYR A 175 -0.22 -7.46 -6.51
C TYR A 175 -0.01 -6.56 -7.72
N SER A 176 1.03 -5.74 -7.66
CA SER A 176 1.39 -4.95 -8.83
C SER A 176 2.89 -4.70 -8.86
N ILE A 177 3.34 -4.34 -10.06
CA ILE A 177 4.65 -3.76 -10.31
C ILE A 177 4.41 -2.43 -10.99
N THR A 178 5.06 -1.38 -10.51
CA THR A 178 4.95 -0.08 -11.15
C THR A 178 6.11 0.08 -12.12
N ASP A 179 5.99 1.08 -13.00
CA ASP A 179 7.05 1.32 -13.96
C ASP A 179 8.34 1.74 -13.28
N HIS A 180 8.25 2.51 -12.18
CA HIS A 180 9.50 3.02 -11.62
C HIS A 180 10.28 1.93 -10.90
N GLU A 181 9.61 0.90 -10.38
CA GLU A 181 10.35 -0.21 -9.79
C GLU A 181 10.69 -1.29 -10.81
N TRP A 182 10.15 -1.23 -12.03
CA TRP A 182 10.38 -2.32 -12.96
C TRP A 182 11.86 -2.53 -13.31
N PRO A 183 12.70 -1.50 -13.47
CA PRO A 183 14.11 -1.78 -13.80
C PRO A 183 14.77 -2.70 -12.77
N GLN A 184 14.47 -2.50 -11.49
CA GLN A 184 15.00 -3.38 -10.45
C GLN A 184 14.41 -4.78 -10.56
N VAL A 185 13.08 -4.88 -10.72
CA VAL A 185 12.45 -6.19 -10.88
C VAL A 185 13.05 -6.93 -12.08
N LYS A 186 13.19 -6.22 -13.20
CA LYS A 186 13.75 -6.81 -14.40
C LYS A 186 15.16 -7.34 -14.14
N ALA A 187 16.02 -6.51 -13.54
CA ALA A 187 17.38 -6.94 -13.23
C ALA A 187 17.38 -8.22 -12.39
N ALA A 188 16.50 -8.31 -11.39
CA ALA A 188 16.49 -9.49 -10.53
C ALA A 188 15.91 -10.70 -11.25
N LEU A 189 14.90 -10.49 -12.11
CA LEU A 189 14.40 -11.60 -12.90
C LEU A 189 15.46 -12.14 -13.86
N GLU A 190 16.16 -11.25 -14.59
CA GLU A 190 17.15 -11.76 -15.53
C GLU A 190 18.39 -12.25 -14.81
N ALA A 191 18.68 -11.76 -13.61
CA ALA A 191 19.70 -12.40 -12.79
C ALA A 191 19.31 -13.81 -12.40
N SER A 192 18.07 -14.19 -12.53
CA SER A 192 17.64 -15.49 -12.16
C SER A 192 17.54 -16.49 -13.30
N PHE A 193 17.89 -16.11 -14.49
CA PHE A 193 17.81 -17.00 -15.62
C PHE A 193 19.13 -17.57 -16.05
N THR A 194 19.11 -18.86 -16.29
CA THR A 194 20.26 -19.60 -16.72
C THR A 194 20.78 -19.11 -18.03
N GLY A 195 21.73 -18.22 -17.92
CA GLY A 195 22.38 -17.61 -19.05
C GLY A 195 21.60 -17.45 -20.33
N LYS B 9 5.76 0.63 37.93
CA LYS B 9 5.39 -0.72 37.53
C LYS B 9 5.44 -1.11 36.02
N PRO B 10 5.42 -0.11 35.06
CA PRO B 10 5.51 -0.48 33.64
C PRO B 10 6.95 -0.76 33.19
N LEU B 11 7.42 -1.99 33.43
CA LEU B 11 8.74 -2.42 33.00
C LEU B 11 8.68 -2.94 31.57
N PRO B 12 9.62 -2.53 30.72
CA PRO B 12 9.71 -3.12 29.37
C PRO B 12 9.57 -4.63 29.45
N ILE B 13 8.72 -5.18 28.59
CA ILE B 13 8.37 -6.60 28.63
C ILE B 13 8.56 -7.19 27.23
N THR B 14 8.98 -8.45 27.19
CA THR B 14 9.03 -9.22 25.95
C THR B 14 8.19 -10.47 26.11
N LEU B 15 7.28 -10.68 25.17
CA LEU B 15 6.33 -11.78 25.21
C LEU B 15 6.43 -12.60 23.93
N GLN B 16 6.25 -13.91 24.05
CA GLN B 16 6.37 -14.72 22.86
C GLN B 16 5.59 -16.01 23.02
N ARG B 17 5.09 -16.52 21.90
CA ARG B 17 4.51 -17.84 21.84
C ARG B 17 4.55 -18.30 20.39
N GLY B 18 4.97 -19.53 20.17
CA GLY B 18 5.14 -19.98 18.80
C GLY B 18 6.13 -19.08 18.09
N ALA B 19 5.79 -18.66 16.87
CA ALA B 19 6.63 -17.79 16.08
C ALA B 19 6.39 -16.31 16.37
N LEU B 20 5.48 -15.99 17.28
CA LEU B 20 5.14 -14.60 17.56
C LEU B 20 5.97 -14.06 18.71
N ARG B 21 6.68 -12.96 18.48
CA ARG B 21 7.38 -12.28 19.55
C ARG B 21 6.96 -10.81 19.62
N LEU B 22 6.58 -10.37 20.82
CA LEU B 22 6.29 -8.96 21.09
C LEU B 22 7.44 -8.35 21.88
N GLU B 23 8.13 -7.39 21.28
CA GLU B 23 9.32 -6.82 21.87
C GLU B 23 9.16 -5.31 22.07
N PRO B 24 9.79 -4.76 23.12
CA PRO B 24 9.69 -3.32 23.35
C PRO B 24 10.11 -2.54 22.12
N LEU B 25 9.25 -1.62 21.70
CA LEU B 25 9.58 -0.77 20.57
C LEU B 25 10.84 0.05 20.88
N VAL B 26 11.75 0.10 19.93
CA VAL B 26 12.97 0.88 20.06
C VAL B 26 13.10 1.79 18.86
N GLU B 27 13.97 2.79 19.00
CA GLU B 27 14.08 3.82 17.98
C GLU B 27 14.57 3.26 16.64
N ALA B 28 15.37 2.23 16.68
CA ALA B 28 15.85 1.62 15.46
C ALA B 28 14.76 0.88 14.69
N ASP B 29 13.63 0.60 15.34
CA ASP B 29 12.47 0.00 14.67
C ASP B 29 11.64 1.02 13.89
N ILE B 30 11.72 2.30 14.26
CA ILE B 30 10.77 3.29 13.72
C ILE B 30 10.90 3.47 12.21
N PRO B 31 12.10 3.60 11.62
CA PRO B 31 12.14 3.78 10.16
C PRO B 31 11.56 2.59 9.42
N GLU B 32 11.82 1.39 9.94
CA GLU B 32 11.26 0.18 9.35
C GLU B 32 9.73 0.22 9.40
N LEU B 33 9.18 0.58 10.56
CA LEU B 33 7.74 0.54 10.74
C LEU B 33 7.07 1.60 9.89
N VAL B 34 7.67 2.80 9.80
CA VAL B 34 7.13 3.85 8.95
C VAL B 34 7.11 3.39 7.51
N SER B 35 8.19 2.75 7.06
CA SER B 35 8.25 2.27 5.68
C SER B 35 7.31 1.09 5.46
N LEU B 36 7.29 0.14 6.40
CA LEU B 36 6.34 -0.97 6.27
C LEU B 36 4.90 -0.47 6.25
N ALA B 37 4.58 0.50 7.11
CA ALA B 37 3.24 1.05 7.15
C ALA B 37 2.86 1.68 5.82
N GLU B 38 3.77 2.39 5.22
CA GLU B 38 3.49 3.01 3.96
C GLU B 38 3.31 2.04 2.83
N ALA B 39 3.78 0.83 2.99
CA ALA B 39 3.58 -0.18 2.00
C ALA B 39 2.39 -1.04 2.32
N ASN B 40 1.70 -0.75 3.39
CA ASN B 40 0.58 -1.50 3.82
C ASN B 40 -0.54 -0.58 4.25
N ARG B 41 -0.79 0.44 3.46
CA ARG B 41 -1.81 1.39 3.76
C ARG B 41 -3.19 0.77 3.87
N GLU B 42 -3.40 -0.37 3.28
CA GLU B 42 -4.66 -1.05 3.35
C GLU B 42 -5.00 -1.49 4.73
N ALA B 43 -4.04 -1.53 5.61
CA ALA B 43 -4.23 -1.91 6.98
C ALA B 43 -4.31 -0.76 7.91
N LEU B 44 -4.27 0.45 7.42
CA LEU B 44 -4.29 1.61 8.27
C LEU B 44 -5.52 2.47 8.34
N GLN B 45 -6.64 1.90 8.00
CA GLN B 45 -7.89 2.58 8.06
C GLN B 45 -8.21 2.95 9.48
N TYR B 46 -8.69 4.17 9.64
CA TYR B 46 -9.06 4.79 10.92
C TYR B 46 -7.86 5.20 11.75
N MET B 47 -6.64 5.15 11.22
CA MET B 47 -5.44 5.50 11.97
C MET B 47 -4.61 6.48 11.16
N ASP B 48 -4.16 7.54 11.82
CA ASP B 48 -3.32 8.50 11.14
C ASP B 48 -1.83 8.27 11.33
N GLY B 49 -1.42 7.80 12.50
CA GLY B 49 -0.04 7.82 12.90
C GLY B 49 0.96 6.76 12.43
N PRO B 50 0.53 5.54 12.08
CA PRO B 50 1.54 4.52 11.75
C PRO B 50 2.50 4.93 10.64
N THR B 51 2.10 5.87 9.81
CA THR B 51 2.90 6.37 8.69
C THR B 51 3.75 7.59 9.05
N ARG B 52 3.71 8.05 10.30
CA ARG B 52 4.39 9.27 10.73
C ARG B 52 5.36 8.92 11.85
N PRO B 53 6.62 9.34 11.77
CA PRO B 53 7.54 9.02 12.88
C PRO B 53 7.07 9.52 14.23
N ASP B 54 6.39 10.67 14.29
CA ASP B 54 6.09 11.26 15.59
C ASP B 54 5.10 10.41 16.38
N TRP B 55 4.27 9.62 15.68
CA TRP B 55 3.38 8.69 16.36
C TRP B 55 4.17 7.65 17.15
N TYR B 56 5.27 7.15 16.58
CA TYR B 56 6.09 6.20 17.32
C TYR B 56 6.92 6.90 18.40
N ARG B 57 7.50 8.05 18.05
CA ARG B 57 8.25 8.86 19.01
C ARG B 57 7.38 9.28 20.19
N GLN B 58 6.13 9.66 19.92
CA GLN B 58 5.22 10.01 21.01
C GLN B 58 5.05 8.83 21.97
N SER B 59 4.93 7.63 21.42
CA SER B 59 4.76 6.46 22.28
C SER B 59 6.05 6.15 23.04
N LEU B 60 7.20 6.42 22.42
CA LEU B 60 8.45 6.22 23.13
C LEU B 60 8.62 7.25 24.25
N ALA B 61 8.10 8.46 24.03
CA ALA B 61 8.07 9.45 25.09
C ALA B 61 7.14 9.00 26.22
N GLU B 62 5.96 8.49 25.86
CA GLU B 62 5.04 8.05 26.91
C GLU B 62 5.68 6.96 27.74
N GLN B 63 6.49 6.11 27.12
CA GLN B 63 7.17 5.06 27.87
C GLN B 63 8.21 5.64 28.80
N ARG B 64 8.99 6.62 28.34
CA ARG B 64 9.98 7.26 29.22
C ARG B 64 9.30 7.85 30.44
N GLU B 65 8.09 8.41 30.27
CA GLU B 65 7.27 8.93 31.37
C GLU B 65 6.56 7.82 32.14
N GLY B 66 6.80 6.55 31.81
CA GLY B 66 6.10 5.45 32.48
C GLY B 66 4.62 5.34 32.19
N ARG B 67 4.17 5.84 31.05
CA ARG B 67 2.75 5.88 30.73
C ARG B 67 2.36 4.99 29.54
N ALA B 68 3.29 4.23 28.97
CA ALA B 68 2.98 3.34 27.86
C ALA B 68 4.07 2.28 27.75
N LEU B 69 3.73 1.16 27.08
CA LEU B 69 4.72 0.17 26.66
C LEU B 69 4.47 -0.17 25.20
N PRO B 70 5.07 0.58 24.28
CA PRO B 70 4.89 0.27 22.85
C PRO B 70 5.65 -1.01 22.50
N LEU B 71 5.06 -1.81 21.62
CA LEU B 71 5.67 -3.07 21.25
C LEU B 71 5.82 -3.14 19.74
N ALA B 72 6.90 -3.78 19.30
CA ALA B 72 7.07 -4.21 17.92
C ALA B 72 6.61 -5.67 17.81
N VAL B 73 5.83 -5.96 16.79
CA VAL B 73 5.34 -7.31 16.57
C VAL B 73 6.25 -7.98 15.55
N ARG B 74 6.86 -9.07 15.93
CA ARG B 74 7.72 -9.84 15.04
C ARG B 74 7.08 -11.20 14.81
N LEU B 75 7.09 -11.65 13.56
CA LEU B 75 6.58 -12.96 13.19
C LEU B 75 7.73 -13.73 12.56
N GLY B 76 8.09 -14.84 13.17
CA GLY B 76 9.40 -15.40 12.87
C GLY B 76 10.46 -14.40 13.29
N VAL B 77 11.13 -13.78 12.33
CA VAL B 77 12.14 -12.76 12.58
C VAL B 77 11.83 -11.46 11.87
N GLN B 78 10.68 -11.35 11.22
CA GLN B 78 10.33 -10.19 10.44
C GLN B 78 9.36 -9.29 11.20
N LEU B 79 9.56 -7.97 11.12
CA LEU B 79 8.64 -7.01 11.73
C LEU B 79 7.31 -7.03 10.99
N VAL B 80 6.18 -7.17 11.69
CA VAL B 80 4.89 -7.12 11.01
C VAL B 80 4.02 -5.97 11.48
N GLY B 81 4.42 -5.24 12.51
CA GLY B 81 3.67 -4.07 12.92
C GLY B 81 3.93 -3.75 14.38
N THR B 82 2.92 -3.16 15.01
CA THR B 82 3.09 -2.64 16.36
C THR B 82 1.77 -2.72 17.11
N THR B 83 1.88 -2.63 18.43
CA THR B 83 0.78 -2.63 19.37
C THR B 83 1.34 -2.03 20.65
N ARG B 84 0.46 -1.68 21.59
CA ARG B 84 0.98 -1.11 22.82
C ARG B 84 -0.01 -1.26 23.96
N PHE B 85 0.53 -1.35 25.17
CA PHE B 85 -0.19 -0.91 26.35
C PHE B 85 -0.04 0.59 26.50
N ALA B 86 -1.10 1.25 26.96
CA ALA B 86 -1.06 2.70 27.15
C ALA B 86 -2.16 3.10 28.12
N GLU B 87 -2.26 4.41 28.37
CA GLU B 87 -3.27 4.95 29.28
C GLU B 87 -3.28 4.17 30.59
N PHE B 88 -2.11 4.02 31.18
CA PHE B 88 -2.03 3.37 32.47
C PHE B 88 -2.79 4.18 33.51
N LEU B 89 -3.60 3.48 34.29
CA LEU B 89 -4.16 3.99 35.55
C LEU B 89 -3.45 3.22 36.67
N PRO B 90 -2.35 3.74 37.20
CA PRO B 90 -1.55 2.93 38.15
C PRO B 90 -2.27 2.58 39.43
N ALA B 91 -3.28 3.37 39.84
CA ALA B 91 -3.93 3.14 41.12
C ALA B 91 -4.92 1.97 41.09
N LEU B 92 -5.31 1.50 39.90
CA LEU B 92 -6.36 0.49 39.88
C LEU B 92 -5.80 -0.91 40.10
N PRO B 93 -4.85 -1.42 39.28
CA PRO B 93 -4.24 -0.89 38.05
C PRO B 93 -5.06 -1.29 36.82
N ALA B 94 -5.11 -0.39 35.84
CA ALA B 94 -5.80 -0.62 34.59
C ALA B 94 -4.93 -0.12 33.46
N CYS B 95 -5.23 -0.58 32.25
CA CYS B 95 -4.56 0.00 31.10
C CYS B 95 -5.47 -0.14 29.90
N GLU B 96 -4.99 0.32 28.78
CA GLU B 96 -5.61 0.10 27.50
C GLU B 96 -4.62 -0.62 26.58
N ILE B 97 -5.13 -1.56 25.80
CA ILE B 97 -4.38 -2.22 24.73
C ILE B 97 -4.94 -1.74 23.41
N GLY B 98 -4.08 -1.50 22.44
CA GLY B 98 -4.52 -1.02 21.15
C GLY B 98 -3.40 -0.42 20.33
N TRP B 99 -3.75 0.60 19.53
CA TRP B 99 -2.84 1.21 18.59
C TRP B 99 -2.15 0.14 17.75
N THR B 100 -2.94 -0.86 17.38
CA THR B 100 -2.44 -2.01 16.63
C THR B 100 -2.59 -1.79 15.15
N TRP B 101 -1.56 -2.18 14.41
CA TRP B 101 -1.67 -2.34 12.96
C TRP B 101 -0.71 -3.43 12.60
N LEU B 102 -1.05 -4.17 11.54
CA LEU B 102 -0.35 -5.40 11.19
C LEU B 102 -0.28 -5.55 9.67
N ASP B 103 0.87 -6.05 9.19
CA ASP B 103 1.05 -6.44 7.80
C ASP B 103 0.01 -7.49 7.37
N GLN B 104 -0.56 -7.30 6.16
CA GLN B 104 -1.73 -8.00 5.60
C GLN B 104 -1.77 -9.52 5.73
N ALA B 105 -0.61 -10.16 5.52
CA ALA B 105 -0.55 -11.60 5.55
C ALA B 105 -1.18 -12.17 6.81
N GLN B 106 -1.54 -11.32 7.77
CA GLN B 106 -1.99 -11.70 9.10
C GLN B 106 -3.39 -11.17 9.40
N HIS B 107 -4.20 -11.08 8.36
CA HIS B 107 -5.64 -10.92 8.48
C HIS B 107 -6.28 -12.24 8.06
N GLY B 108 -7.29 -12.68 8.81
CA GLY B 108 -7.83 -14.01 8.71
C GLY B 108 -7.24 -14.99 9.70
N SER B 109 -6.03 -14.74 10.17
CA SER B 109 -5.39 -15.64 11.12
C SER B 109 -5.68 -15.18 12.55
N GLY B 110 -5.40 -16.09 13.48
CA GLY B 110 -5.49 -15.75 14.89
C GLY B 110 -4.24 -15.05 15.36
N LEU B 111 -3.54 -14.36 14.46
CA LEU B 111 -2.38 -13.60 14.90
C LEU B 111 -2.80 -12.49 15.85
N ASN B 112 -3.86 -11.76 15.49
CA ASN B 112 -4.34 -10.73 16.40
C ASN B 112 -4.86 -11.35 17.69
N ARG B 113 -5.53 -12.50 17.59
CA ARG B 113 -5.97 -13.19 18.79
C ARG B 113 -4.78 -13.61 19.64
N MET B 114 -3.67 -13.97 19.01
CA MET B 114 -2.49 -14.36 19.77
C MET B 114 -1.82 -13.14 20.40
N ILE B 115 -1.82 -12.01 19.70
CA ILE B 115 -1.27 -10.79 20.26
C ILE B 115 -2.05 -10.38 21.50
N LYS B 116 -3.39 -10.33 21.37
CA LYS B 116 -4.23 -9.97 22.50
C LYS B 116 -4.04 -10.93 23.67
N TYR B 117 -3.97 -12.24 23.38
CA TYR B 117 -3.75 -13.22 24.43
C TYR B 117 -2.47 -12.94 25.21
N LEU B 118 -1.35 -12.72 24.50
CA LEU B 118 -0.09 -12.46 25.20
C LEU B 118 -0.18 -11.19 26.03
N MET B 119 -0.80 -10.14 25.47
CA MET B 119 -0.83 -8.88 26.18
C MET B 119 -1.80 -8.94 27.34
N LEU B 120 -2.98 -9.54 27.13
CA LEU B 120 -3.95 -9.66 28.21
C LEU B 120 -3.37 -10.49 29.35
N LYS B 121 -2.71 -11.58 29.02
CA LYS B 121 -2.12 -12.46 30.01
C LYS B 121 -1.09 -11.71 30.86
N HIS B 122 -0.29 -10.85 30.22
CA HIS B 122 0.69 -10.07 30.97
C HIS B 122 0.02 -9.01 31.84
N ALA B 123 -1.06 -8.42 31.34
CA ALA B 123 -1.78 -7.40 32.12
C ALA B 123 -2.46 -8.01 33.35
N PHE B 124 -3.05 -9.19 33.21
CA PHE B 124 -3.86 -9.76 34.29
C PHE B 124 -3.07 -10.71 35.18
N ASP B 125 -2.18 -11.52 34.61
CA ASP B 125 -1.46 -12.51 35.41
C ASP B 125 -0.20 -11.95 36.03
N ASN B 126 0.42 -10.98 35.36
CA ASN B 126 1.69 -10.41 35.79
C ASN B 126 1.51 -9.09 36.53
N LEU B 127 0.78 -8.16 35.92
CA LEU B 127 0.53 -6.87 36.56
C LEU B 127 -0.77 -6.85 37.37
N ARG B 128 -1.52 -7.94 37.39
CA ARG B 128 -2.77 -8.05 38.17
C ARG B 128 -3.65 -6.83 37.96
N MET B 129 -3.89 -6.53 36.70
CA MET B 129 -4.76 -5.39 36.42
C MET B 129 -6.19 -5.72 36.80
N VAL B 130 -6.94 -4.68 37.12
CA VAL B 130 -8.35 -4.89 37.40
C VAL B 130 -9.22 -4.63 36.17
N ARG B 131 -8.67 -4.02 35.14
CA ARG B 131 -9.44 -3.73 33.94
C ARG B 131 -8.47 -3.52 32.80
N VAL B 132 -8.84 -4.01 31.62
CA VAL B 132 -8.11 -3.70 30.40
C VAL B 132 -9.14 -3.16 29.42
N GLN B 133 -8.87 -1.97 28.91
CA GLN B 133 -9.75 -1.32 27.96
C GLN B 133 -9.30 -1.65 26.54
N LEU B 134 -10.27 -1.80 25.64
CA LEU B 134 -10.05 -1.94 24.21
C LEU B 134 -11.04 -1.05 23.49
N SER B 135 -10.65 -0.55 22.33
CA SER B 135 -11.53 0.41 21.68
C SER B 135 -11.34 0.34 20.18
N THR B 136 -12.36 0.81 19.48
CA THR B 136 -12.27 0.77 18.03
C THR B 136 -13.22 1.83 17.49
N ALA B 137 -12.92 2.30 16.28
CA ALA B 137 -13.82 3.24 15.62
C ALA B 137 -15.19 2.59 15.43
N ALA B 138 -16.23 3.41 15.56
CA ALA B 138 -17.60 2.93 15.36
C ALA B 138 -17.79 2.35 13.97
N SER B 139 -17.06 2.83 12.97
CA SER B 139 -17.22 2.30 11.62
C SER B 139 -16.35 1.09 11.33
N ASN B 140 -15.47 0.71 12.26
CA ASN B 140 -14.59 -0.42 12.02
C ASN B 140 -15.29 -1.72 12.42
N LEU B 141 -16.14 -2.22 11.52
CA LEU B 141 -16.90 -3.42 11.82
C LEU B 141 -15.98 -4.62 12.02
N ARG B 142 -14.90 -4.71 11.26
CA ARG B 142 -13.96 -5.83 11.37
C ARG B 142 -13.39 -5.92 12.80
N ALA B 143 -12.78 -4.82 13.27
CA ALA B 143 -12.20 -4.83 14.61
C ALA B 143 -13.26 -5.09 15.68
N GLN B 144 -14.48 -4.62 15.45
CA GLN B 144 -15.56 -4.89 16.39
C GLN B 144 -15.86 -6.38 16.49
N GLY B 145 -15.86 -7.09 15.35
CA GLY B 145 -16.07 -8.52 15.39
C GLY B 145 -14.98 -9.22 16.18
N ALA B 146 -13.73 -8.84 15.93
CA ALA B 146 -12.61 -9.44 16.65
C ALA B 146 -12.71 -9.19 18.15
N ILE B 147 -13.07 -7.96 18.56
CA ILE B 147 -13.11 -7.64 19.98
C ILE B 147 -14.19 -8.46 20.68
N ASP B 148 -15.29 -8.77 19.98
CA ASP B 148 -16.38 -9.55 20.57
C ASP B 148 -16.01 -11.03 20.68
N LYS B 149 -15.28 -11.57 19.70
CA LYS B 149 -14.75 -12.94 19.77
C LYS B 149 -13.76 -13.10 20.92
N LEU B 150 -13.16 -11.98 21.36
CA LEU B 150 -12.29 -11.97 22.53
C LEU B 150 -13.05 -12.01 23.84
N GLY B 151 -14.35 -11.75 23.82
CA GLY B 151 -15.10 -11.73 25.07
C GLY B 151 -15.06 -10.41 25.81
N ALA B 152 -14.66 -9.33 25.15
CA ALA B 152 -14.76 -8.02 25.76
C ALA B 152 -16.20 -7.53 25.68
N GLN B 153 -16.62 -6.76 26.68
CA GLN B 153 -17.97 -6.22 26.76
C GLN B 153 -17.96 -4.75 26.35
N ARG B 154 -18.88 -4.36 25.47
CA ARG B 154 -18.96 -2.96 25.10
C ARG B 154 -19.47 -2.14 26.26
N GLU B 155 -18.77 -1.06 26.57
CA GLU B 155 -19.11 -0.21 27.70
C GLU B 155 -19.64 1.16 27.28
N GLY B 156 -19.44 1.57 26.03
CA GLY B 156 -20.01 2.83 25.64
C GLY B 156 -19.51 3.30 24.29
N VAL B 157 -20.04 4.46 23.91
CA VAL B 157 -19.84 5.06 22.61
C VAL B 157 -19.38 6.49 22.86
N LEU B 158 -18.10 6.77 22.62
CA LEU B 158 -17.57 8.12 22.76
C LEU B 158 -17.77 8.85 21.44
N ARG B 159 -18.59 9.88 21.45
CA ARG B 159 -18.85 10.64 20.23
C ARG B 159 -17.71 11.59 19.95
N ASN B 160 -17.48 11.85 18.66
CA ASN B 160 -16.46 12.80 18.23
C ASN B 160 -15.09 12.45 18.83
N HIS B 161 -14.78 11.15 18.88
CA HIS B 161 -13.56 10.73 19.53
C HIS B 161 -12.46 10.36 18.56
N ARG B 162 -12.73 10.35 17.26
CA ARG B 162 -11.69 10.01 16.29
C ARG B 162 -11.85 10.90 15.07
N ARG B 163 -10.75 11.56 14.70
CA ARG B 163 -10.73 12.40 13.51
C ARG B 163 -10.23 11.57 12.33
N LEU B 164 -10.99 11.55 11.25
CA LEU B 164 -10.63 10.87 10.02
C LEU B 164 -9.91 11.85 9.10
N ALA B 165 -9.13 11.30 8.18
CA ALA B 165 -8.62 12.12 7.09
C ALA B 165 -9.81 12.73 6.34
N GLY B 166 -9.64 13.97 5.89
CA GLY B 166 -10.69 14.64 5.17
C GLY B 166 -11.64 15.43 6.03
N GLY B 167 -11.36 15.56 7.33
CA GLY B 167 -12.17 16.39 8.19
C GLY B 167 -13.54 15.84 8.55
N ARG B 168 -13.64 14.55 8.76
CA ARG B 168 -14.83 13.97 9.27
C ARG B 168 -14.51 13.38 10.62
N LEU B 169 -15.52 13.22 11.42
CA LEU B 169 -15.32 12.70 12.76
C LEU B 169 -16.06 11.38 12.92
N ASP B 170 -15.49 10.48 13.73
CA ASP B 170 -16.14 9.21 14.05
C ASP B 170 -16.23 9.03 15.56
N ASP B 171 -17.19 8.20 15.95
CA ASP B 171 -17.36 7.76 17.32
C ASP B 171 -16.43 6.61 17.64
N THR B 172 -16.17 6.40 18.92
CA THR B 172 -15.37 5.27 19.36
C THR B 172 -16.22 4.33 20.21
N PHE B 173 -16.19 3.04 19.89
CA PHE B 173 -16.76 2.03 20.78
C PHE B 173 -15.69 1.63 21.79
N VAL B 174 -16.03 1.72 23.06
CA VAL B 174 -15.11 1.36 24.13
C VAL B 174 -15.55 0.03 24.73
N TYR B 175 -14.62 -0.89 24.87
CA TYR B 175 -14.86 -2.17 25.52
C TYR B 175 -13.91 -2.32 26.68
N SER B 176 -14.19 -3.30 27.54
CA SER B 176 -13.19 -3.69 28.52
C SER B 176 -13.32 -5.18 28.82
N ILE B 177 -12.27 -5.69 29.43
CA ILE B 177 -12.25 -7.00 30.07
C ILE B 177 -11.90 -6.74 31.52
N THR B 178 -12.72 -7.28 32.42
CA THR B 178 -12.55 -7.25 33.87
C THR B 178 -11.61 -8.35 34.31
N ASP B 179 -10.95 -8.14 35.46
CA ASP B 179 -10.19 -9.23 36.05
C ASP B 179 -11.09 -10.44 36.35
N HIS B 180 -12.39 -10.22 36.56
CA HIS B 180 -13.32 -11.34 36.76
C HIS B 180 -13.61 -12.10 35.48
N GLU B 181 -13.50 -11.44 34.33
CA GLU B 181 -13.74 -12.11 33.06
C GLU B 181 -12.48 -12.74 32.49
N TRP B 182 -11.31 -12.30 32.93
CA TRP B 182 -10.05 -12.85 32.41
C TRP B 182 -9.95 -14.37 32.45
N PRO B 183 -10.31 -15.07 33.55
CA PRO B 183 -10.20 -16.55 33.50
C PRO B 183 -10.96 -17.19 32.34
N GLN B 184 -12.19 -16.77 32.05
CA GLN B 184 -12.92 -17.32 30.90
C GLN B 184 -12.23 -16.96 29.60
N VAL B 185 -11.78 -15.71 29.50
CA VAL B 185 -11.12 -15.27 28.28
C VAL B 185 -9.82 -16.02 28.07
N LYS B 186 -9.04 -16.18 29.15
CA LYS B 186 -7.75 -16.85 29.02
C LYS B 186 -7.92 -18.27 28.53
N ALA B 187 -8.82 -19.01 29.20
CA ALA B 187 -9.11 -20.38 28.79
C ALA B 187 -9.58 -20.43 27.35
N ALA B 188 -10.55 -19.58 27.03
CA ALA B 188 -11.12 -19.62 25.68
C ALA B 188 -10.06 -19.32 24.63
N LEU B 189 -9.11 -18.45 24.95
CA LEU B 189 -8.08 -18.13 23.98
C LEU B 189 -7.07 -19.27 23.84
N GLU B 190 -6.75 -19.95 24.95
CA GLU B 190 -5.83 -21.09 24.88
C GLU B 190 -6.46 -22.25 24.13
N ALA B 191 -7.72 -22.56 24.40
CA ALA B 191 -8.39 -23.66 23.70
C ALA B 191 -8.40 -23.44 22.19
N SER B 192 -8.38 -22.18 21.75
CA SER B 192 -8.43 -21.85 20.33
C SER B 192 -7.05 -21.86 19.67
N PHE B 193 -6.03 -22.37 20.34
CA PHE B 193 -4.71 -22.44 19.74
C PHE B 193 -4.27 -23.89 19.58
N PRO C 10 -27.67 -6.79 -14.88
CA PRO C 10 -27.94 -5.35 -15.01
C PRO C 10 -29.19 -5.04 -15.84
N LEU C 11 -30.08 -4.19 -15.34
CA LEU C 11 -31.30 -3.78 -16.03
C LEU C 11 -31.79 -2.46 -15.44
N PRO C 12 -32.49 -1.63 -16.23
CA PRO C 12 -32.91 -0.30 -15.74
C PRO C 12 -33.92 -0.42 -14.60
N ILE C 13 -34.09 0.68 -13.86
CA ILE C 13 -34.56 0.59 -12.49
C ILE C 13 -34.76 1.98 -11.88
N THR C 14 -35.66 2.10 -10.90
CA THR C 14 -35.93 3.39 -10.24
C THR C 14 -35.89 3.22 -8.72
N LEU C 15 -35.07 4.01 -8.06
CA LEU C 15 -34.89 3.97 -6.62
C LEU C 15 -35.37 5.24 -6.01
N GLN C 16 -36.14 5.16 -4.95
CA GLN C 16 -36.71 6.32 -4.36
C GLN C 16 -36.79 6.37 -2.85
N ARG C 17 -36.82 7.59 -2.36
CA ARG C 17 -36.98 7.87 -0.96
C ARG C 17 -37.49 9.25 -0.72
N GLY C 18 -38.78 9.38 -0.66
CA GLY C 18 -39.39 10.67 -0.46
C GLY C 18 -39.13 11.51 -1.68
N ALA C 19 -38.59 12.70 -1.48
CA ALA C 19 -38.31 13.55 -2.62
C ALA C 19 -37.12 13.03 -3.46
N LEU C 20 -36.24 12.22 -2.87
CA LEU C 20 -35.07 11.71 -3.58
C LEU C 20 -35.47 10.59 -4.52
N ARG C 21 -35.13 10.74 -5.80
CA ARG C 21 -35.42 9.72 -6.81
C ARG C 21 -34.18 9.49 -7.68
N LEU C 22 -33.78 8.24 -7.81
CA LEU C 22 -32.71 7.83 -8.71
C LEU C 22 -33.35 7.04 -9.85
N GLU C 23 -33.12 7.48 -11.07
CA GLU C 23 -33.70 6.79 -12.21
C GLU C 23 -32.62 6.65 -13.29
N PRO C 24 -32.82 5.76 -14.26
CA PRO C 24 -31.79 5.55 -15.27
C PRO C 24 -31.48 6.85 -15.99
N LEU C 25 -30.20 7.06 -16.25
CA LEU C 25 -29.76 8.21 -17.04
C LEU C 25 -30.26 8.04 -18.47
N VAL C 26 -30.77 9.13 -19.07
CA VAL C 26 -31.16 9.14 -20.47
C VAL C 26 -30.48 10.32 -21.15
N GLU C 27 -30.28 10.16 -22.47
CA GLU C 27 -29.58 11.18 -23.26
C GLU C 27 -30.21 12.56 -23.08
N ALA C 28 -31.52 12.62 -22.83
CA ALA C 28 -32.23 13.89 -22.68
C ALA C 28 -31.82 14.63 -21.40
N ASP C 29 -31.32 13.92 -20.37
CA ASP C 29 -30.88 14.59 -19.15
C ASP C 29 -29.50 15.23 -19.30
N ILE C 30 -28.70 14.81 -20.29
CA ILE C 30 -27.30 15.20 -20.36
C ILE C 30 -27.13 16.72 -20.47
N PRO C 31 -27.83 17.43 -21.37
CA PRO C 31 -27.72 18.90 -21.40
C PRO C 31 -27.92 19.57 -20.04
N GLU C 32 -28.94 19.18 -19.30
CA GLU C 32 -29.16 19.81 -18.01
C GLU C 32 -28.07 19.41 -17.01
N LEU C 33 -27.57 18.18 -17.09
CA LEU C 33 -26.54 17.78 -16.14
C LEU C 33 -25.21 18.47 -16.44
N VAL C 34 -24.81 18.51 -17.71
CA VAL C 34 -23.61 19.25 -18.09
C VAL C 34 -23.74 20.70 -17.65
N SER C 35 -24.90 21.31 -17.93
CA SER C 35 -25.13 22.70 -17.55
C SER C 35 -25.03 22.89 -16.04
N LEU C 36 -25.57 21.94 -15.28
CA LEU C 36 -25.58 22.06 -13.82
C LEU C 36 -24.17 21.86 -13.24
N ALA C 37 -23.38 20.98 -13.85
CA ALA C 37 -22.00 20.79 -13.43
C ALA C 37 -21.15 22.01 -13.77
N GLU C 38 -21.45 22.67 -14.88
CA GLU C 38 -20.73 23.90 -15.25
C GLU C 38 -21.02 25.04 -14.29
N ALA C 39 -22.20 25.04 -13.66
CA ALA C 39 -22.49 25.94 -12.56
C ALA C 39 -21.77 25.54 -11.28
N ASN C 40 -21.35 24.28 -11.16
CA ASN C 40 -20.56 23.81 -10.03
C ASN C 40 -19.11 23.55 -10.44
N ARG C 41 -18.66 24.17 -11.53
CA ARG C 41 -17.32 23.95 -12.06
C ARG C 41 -16.27 24.01 -10.95
N GLU C 42 -16.32 25.06 -10.12
CA GLU C 42 -15.35 25.21 -9.04
C GLU C 42 -15.32 23.99 -8.14
N ALA C 43 -16.49 23.58 -7.63
CA ALA C 43 -16.56 22.48 -6.68
C ALA C 43 -16.12 21.15 -7.27
N LEU C 44 -15.84 21.07 -8.57
CA LEU C 44 -15.37 19.84 -9.19
C LEU C 44 -13.90 20.03 -9.63
N GLN C 45 -12.98 19.82 -8.68
CA GLN C 45 -11.54 19.66 -8.90
C GLN C 45 -11.37 18.45 -9.81
N TYR C 46 -11.45 17.28 -9.24
CA TYR C 46 -11.68 16.20 -10.11
C TYR C 46 -13.18 16.36 -9.84
N MET C 47 -14.06 15.51 -10.34
CA MET C 47 -13.51 14.52 -11.22
C MET C 47 -13.37 15.14 -12.59
N ASP C 48 -12.73 14.44 -13.52
CA ASP C 48 -12.94 14.75 -14.91
C ASP C 48 -14.20 13.99 -15.32
N GLY C 49 -15.18 14.70 -15.90
CA GLY C 49 -16.38 14.05 -16.35
C GLY C 49 -17.65 14.87 -16.37
N PRO C 50 -18.10 15.36 -15.20
CA PRO C 50 -19.48 15.90 -15.13
C PRO C 50 -19.74 17.04 -16.11
N THR C 51 -18.71 17.79 -16.51
CA THR C 51 -18.89 18.84 -17.50
C THR C 51 -18.81 18.34 -18.95
N ARG C 52 -18.49 17.06 -19.17
CA ARG C 52 -18.27 16.54 -20.51
C ARG C 52 -19.45 15.68 -20.96
N PRO C 53 -20.21 16.08 -21.97
CA PRO C 53 -21.31 15.20 -22.42
C PRO C 53 -20.84 13.81 -22.81
N ASP C 54 -19.64 13.66 -23.37
CA ASP C 54 -19.15 12.33 -23.72
C ASP C 54 -18.95 11.45 -22.50
N TRP C 55 -18.67 12.04 -21.34
CA TRP C 55 -18.55 11.25 -20.12
C TRP C 55 -19.87 10.58 -19.81
N TYR C 56 -20.98 11.28 -20.05
CA TYR C 56 -22.30 10.69 -19.84
C TYR C 56 -22.63 9.66 -20.92
N ARG C 57 -22.28 9.96 -22.16
CA ARG C 57 -22.58 9.02 -23.24
C ARG C 57 -21.72 7.77 -23.14
N GLN C 58 -20.48 7.91 -22.63
CA GLN C 58 -19.68 6.73 -22.38
C GLN C 58 -20.39 5.79 -21.42
N SER C 59 -21.02 6.34 -20.37
CA SER C 59 -21.69 5.50 -19.40
C SER C 59 -22.94 4.86 -19.99
N LEU C 60 -23.67 5.61 -20.83
CA LEU C 60 -24.81 5.02 -21.54
C LEU C 60 -24.36 3.89 -22.46
N ALA C 61 -23.20 4.04 -23.10
CA ALA C 61 -22.70 3.00 -23.99
C ALA C 61 -22.38 1.74 -23.21
N GLU C 62 -21.67 1.88 -22.09
CA GLU C 62 -21.39 0.72 -21.25
C GLU C 62 -22.67 0.03 -20.81
N GLN C 63 -23.74 0.79 -20.62
CA GLN C 63 -24.99 0.19 -20.16
C GLN C 63 -25.58 -0.71 -21.23
N ARG C 64 -25.38 -0.36 -22.50
CA ARG C 64 -25.85 -1.21 -23.58
C ARG C 64 -25.03 -2.48 -23.71
N GLU C 65 -23.81 -2.49 -23.15
CA GLU C 65 -22.98 -3.68 -23.09
C GLU C 65 -23.09 -4.41 -21.75
N GLY C 66 -24.08 -4.05 -20.93
CA GLY C 66 -24.26 -4.71 -19.64
C GLY C 66 -23.20 -4.40 -18.61
N ARG C 67 -22.45 -3.30 -18.77
CA ARG C 67 -21.30 -3.04 -17.90
C ARG C 67 -21.49 -1.91 -16.90
N ALA C 68 -22.55 -1.12 -17.02
CA ALA C 68 -22.75 -0.03 -16.07
C ALA C 68 -24.24 0.27 -16.00
N LEU C 69 -24.64 0.90 -14.90
CA LEU C 69 -26.02 1.31 -14.66
C LEU C 69 -25.99 2.76 -14.18
N PRO C 70 -25.93 3.73 -15.09
CA PRO C 70 -25.86 5.13 -14.66
C PRO C 70 -27.23 5.67 -14.31
N LEU C 71 -27.29 6.47 -13.26
CA LEU C 71 -28.53 6.99 -12.73
C LEU C 71 -28.52 8.51 -12.68
N ALA C 72 -29.60 9.11 -13.11
CA ALA C 72 -29.86 10.51 -12.82
C ALA C 72 -30.38 10.67 -11.41
N VAL C 73 -29.88 11.66 -10.68
CA VAL C 73 -30.34 11.97 -9.34
C VAL C 73 -31.30 13.14 -9.41
N ARG C 74 -32.51 12.95 -8.92
CA ARG C 74 -33.52 13.99 -8.87
C ARG C 74 -33.97 14.22 -7.44
N LEU C 75 -34.18 15.46 -7.12
CA LEU C 75 -34.87 15.88 -5.90
C LEU C 75 -36.20 16.45 -6.35
N GLY C 76 -37.29 15.74 -6.06
CA GLY C 76 -38.57 16.04 -6.68
C GLY C 76 -38.49 15.82 -8.19
N VAL C 77 -38.75 16.87 -8.96
CA VAL C 77 -38.58 16.80 -10.41
C VAL C 77 -37.22 17.32 -10.87
N GLN C 78 -36.44 17.91 -9.99
CA GLN C 78 -35.22 18.62 -10.36
C GLN C 78 -34.02 17.68 -10.40
N LEU C 79 -33.38 17.59 -11.56
CA LEU C 79 -32.07 16.97 -11.66
C LEU C 79 -31.05 17.69 -10.77
N VAL C 80 -30.40 16.94 -9.88
CA VAL C 80 -29.35 17.46 -9.03
C VAL C 80 -28.02 16.73 -9.18
N GLY C 81 -27.94 15.67 -9.98
CA GLY C 81 -26.68 14.98 -10.15
C GLY C 81 -26.82 13.61 -10.79
N THR C 82 -25.73 12.85 -10.70
CA THR C 82 -25.69 11.52 -11.27
C THR C 82 -24.78 10.64 -10.41
N THR C 83 -24.93 9.33 -10.60
CA THR C 83 -24.17 8.31 -9.93
C THR C 83 -24.36 7.03 -10.76
N ARG C 84 -23.59 5.98 -10.44
CA ARG C 84 -23.74 4.78 -11.25
C ARG C 84 -23.23 3.54 -10.53
N PHE C 85 -23.77 2.40 -10.96
CA PHE C 85 -23.19 1.09 -10.70
C PHE C 85 -22.33 0.72 -11.91
N ALA C 86 -21.16 0.17 -11.65
CA ALA C 86 -20.29 -0.29 -12.72
C ALA C 86 -19.40 -1.40 -12.18
N GLU C 87 -18.46 -1.87 -13.01
CA GLU C 87 -17.55 -2.96 -12.64
C GLU C 87 -18.33 -4.18 -12.14
N PHE C 88 -19.29 -4.60 -12.95
CA PHE C 88 -20.08 -5.79 -12.67
C PHE C 88 -19.22 -7.04 -12.76
N LEU C 89 -19.33 -7.91 -11.75
CA LEU C 89 -18.80 -9.27 -11.74
C LEU C 89 -20.01 -10.18 -11.61
N PRO C 90 -20.63 -10.56 -12.73
CA PRO C 90 -21.94 -11.25 -12.65
C PRO C 90 -21.91 -12.60 -11.97
N ALA C 91 -20.75 -13.28 -11.94
CA ALA C 91 -20.75 -14.61 -11.34
C ALA C 91 -20.81 -14.56 -9.81
N LEU C 92 -20.51 -13.40 -9.20
CA LEU C 92 -20.41 -13.38 -7.74
C LEU C 92 -21.77 -13.27 -7.08
N PRO C 93 -22.61 -12.26 -7.39
CA PRO C 93 -22.44 -11.05 -8.20
C PRO C 93 -21.85 -9.94 -7.35
N ALA C 94 -21.18 -9.00 -8.00
CA ALA C 94 -20.56 -7.88 -7.30
C ALA C 94 -20.56 -6.68 -8.23
N CYS C 95 -20.36 -5.51 -7.64
CA CYS C 95 -20.24 -4.31 -8.47
C CYS C 95 -19.52 -3.24 -7.67
N GLU C 96 -19.29 -2.12 -8.35
CA GLU C 96 -18.82 -0.89 -7.73
C GLU C 96 -19.92 0.17 -7.87
N ILE C 97 -20.08 0.98 -6.82
CA ILE C 97 -20.84 2.21 -6.90
C ILE C 97 -19.87 3.38 -6.74
N GLY C 98 -20.11 4.43 -7.52
CA GLY C 98 -19.25 5.60 -7.48
C GLY C 98 -19.64 6.59 -8.56
N TRP C 99 -18.65 7.40 -8.98
CA TRP C 99 -18.85 8.37 -10.05
C TRP C 99 -20.03 9.28 -9.74
N THR C 100 -20.13 9.65 -8.48
CA THR C 100 -21.22 10.45 -7.96
C THR C 100 -20.83 11.92 -7.96
N TRP C 101 -21.76 12.78 -8.34
CA TRP C 101 -21.59 14.19 -8.08
C TRP C 101 -22.97 14.80 -7.91
N LEU C 102 -22.99 15.88 -7.12
CA LEU C 102 -24.19 16.61 -6.79
C LEU C 102 -23.91 18.09 -6.93
N ASP C 103 -24.90 18.87 -7.34
CA ASP C 103 -24.68 20.31 -7.40
C ASP C 103 -24.52 20.86 -5.98
N GLN C 104 -23.92 22.06 -5.89
CA GLN C 104 -23.45 22.51 -4.58
C GLN C 104 -24.58 22.83 -3.62
N ALA C 105 -25.80 23.10 -4.12
CA ALA C 105 -26.92 23.33 -3.21
C ALA C 105 -27.14 22.16 -2.26
N GLN C 106 -26.72 20.96 -2.66
CA GLN C 106 -26.77 19.78 -1.80
C GLN C 106 -25.50 19.58 -0.98
N HIS C 107 -24.50 20.47 -1.07
CA HIS C 107 -23.26 20.26 -0.35
C HIS C 107 -23.54 20.14 1.15
N GLY C 108 -23.00 19.08 1.75
CA GLY C 108 -23.15 18.86 3.19
C GLY C 108 -24.56 18.66 3.64
N SER C 109 -25.48 18.33 2.74
CA SER C 109 -26.87 18.13 3.12
C SER C 109 -27.18 16.69 3.53
N GLY C 110 -26.21 15.77 3.40
CA GLY C 110 -26.45 14.36 3.63
C GLY C 110 -27.08 13.60 2.48
N LEU C 111 -27.45 14.29 1.40
CA LEU C 111 -28.02 13.59 0.25
C LEU C 111 -27.07 12.54 -0.28
N ASN C 112 -25.75 12.80 -0.21
CA ASN C 112 -24.78 11.82 -0.70
C ASN C 112 -24.93 10.48 -0.01
N ARG C 113 -24.98 10.47 1.33
CA ARG C 113 -25.07 9.22 2.08
C ARG C 113 -26.42 8.53 1.87
N MET C 114 -27.49 9.29 1.73
CA MET C 114 -28.75 8.63 1.45
C MET C 114 -28.78 8.04 0.05
N ILE C 115 -28.10 8.69 -0.91
CA ILE C 115 -27.93 8.09 -2.23
C ILE C 115 -27.19 6.77 -2.11
N LYS C 116 -26.08 6.76 -1.35
CA LYS C 116 -25.35 5.51 -1.14
C LYS C 116 -26.23 4.48 -0.45
N TYR C 117 -27.02 4.92 0.53
CA TYR C 117 -27.96 4.04 1.19
C TYR C 117 -28.92 3.39 0.19
N LEU C 118 -29.55 4.20 -0.68
CA LEU C 118 -30.47 3.61 -1.65
C LEU C 118 -29.74 2.65 -2.58
N MET C 119 -28.56 3.03 -3.05
CA MET C 119 -27.85 2.16 -3.99
C MET C 119 -27.41 0.88 -3.31
N LEU C 120 -26.89 0.98 -2.07
CA LEU C 120 -26.40 -0.22 -1.38
C LEU C 120 -27.56 -1.16 -1.05
N LYS C 121 -28.71 -0.60 -0.67
CA LYS C 121 -29.92 -1.41 -0.51
C LYS C 121 -30.23 -2.19 -1.78
N HIS C 122 -30.23 -1.52 -2.94
CA HIS C 122 -30.59 -2.20 -4.17
C HIS C 122 -29.63 -3.35 -4.47
N ALA C 123 -28.32 -3.11 -4.29
CA ALA C 123 -27.30 -4.09 -4.65
C ALA C 123 -27.33 -5.31 -3.74
N PHE C 124 -27.51 -5.11 -2.44
CA PHE C 124 -27.50 -6.22 -1.50
C PHE C 124 -28.88 -6.83 -1.32
N ASP C 125 -29.91 -6.02 -1.15
CA ASP C 125 -31.22 -6.55 -0.82
C ASP C 125 -32.03 -6.96 -2.03
N ASN C 126 -31.96 -6.22 -3.13
CA ASN C 126 -32.57 -6.71 -4.37
C ASN C 126 -31.63 -7.68 -5.07
N LEU C 127 -30.46 -7.18 -5.52
CA LEU C 127 -29.55 -7.96 -6.35
C LEU C 127 -28.76 -9.03 -5.58
N ARG C 128 -28.81 -9.02 -4.25
CA ARG C 128 -28.14 -10.01 -3.41
C ARG C 128 -26.65 -10.13 -3.74
N MET C 129 -25.99 -8.99 -3.82
CA MET C 129 -24.59 -9.04 -4.11
C MET C 129 -23.80 -9.46 -2.89
N VAL C 130 -22.66 -10.10 -3.14
CA VAL C 130 -21.78 -10.51 -2.05
C VAL C 130 -20.74 -9.46 -1.76
N ARG C 131 -20.56 -8.49 -2.65
CA ARG C 131 -19.50 -7.49 -2.53
C ARG C 131 -19.97 -6.23 -3.24
N VAL C 132 -19.96 -5.09 -2.56
CA VAL C 132 -20.03 -3.80 -3.23
C VAL C 132 -18.71 -3.09 -3.00
N GLN C 133 -18.08 -2.71 -4.10
CA GLN C 133 -16.80 -2.01 -4.06
C GLN C 133 -17.01 -0.50 -4.15
N LEU C 134 -16.18 0.24 -3.41
CA LEU C 134 -16.01 1.68 -3.55
C LEU C 134 -14.52 1.99 -3.66
N SER C 135 -14.20 3.11 -4.30
CA SER C 135 -12.80 3.46 -4.40
C SER C 135 -12.66 4.95 -4.62
N THR C 136 -11.47 5.48 -4.36
CA THR C 136 -11.19 6.88 -4.59
C THR C 136 -9.67 7.07 -4.71
N ALA C 137 -9.27 8.27 -5.14
CA ALA C 137 -7.86 8.61 -5.17
C ALA C 137 -7.28 8.63 -3.76
N ALA C 138 -6.04 8.20 -3.64
CA ALA C 138 -5.29 8.37 -2.40
C ALA C 138 -5.18 9.85 -1.99
N SER C 139 -5.28 10.78 -2.93
CA SER C 139 -5.23 12.21 -2.63
C SER C 139 -6.57 12.79 -2.23
N ASN C 140 -7.67 12.06 -2.44
CA ASN C 140 -9.01 12.58 -2.18
C ASN C 140 -9.37 12.26 -0.74
N LEU C 141 -8.82 13.05 0.18
CA LEU C 141 -9.09 12.85 1.61
C LEU C 141 -10.57 12.98 1.92
N ARG C 142 -11.25 13.95 1.30
CA ARG C 142 -12.68 14.12 1.56
C ARG C 142 -13.44 12.83 1.26
N ALA C 143 -13.24 12.28 0.06
CA ALA C 143 -13.98 11.07 -0.32
C ALA C 143 -13.59 9.88 0.53
N GLN C 144 -12.36 9.85 1.05
CA GLN C 144 -11.97 8.78 1.98
C GLN C 144 -12.77 8.84 3.27
N GLY C 145 -12.90 10.04 3.84
CA GLY C 145 -13.67 10.17 5.08
C GLY C 145 -15.14 9.84 4.87
N ALA C 146 -15.70 10.24 3.73
CA ALA C 146 -17.09 9.86 3.46
C ALA C 146 -17.22 8.35 3.36
N ILE C 147 -16.27 7.68 2.72
CA ILE C 147 -16.36 6.23 2.54
C ILE C 147 -16.18 5.52 3.88
N ASP C 148 -15.24 6.00 4.70
CA ASP C 148 -15.08 5.44 6.04
C ASP C 148 -16.38 5.50 6.82
N LYS C 149 -17.05 6.65 6.81
CA LYS C 149 -18.28 6.80 7.56
C LYS C 149 -19.39 5.89 7.03
N LEU C 150 -19.31 5.46 5.77
CA LEU C 150 -20.23 4.44 5.30
C LEU C 150 -20.02 3.11 6.00
N GLY C 151 -18.87 2.91 6.62
CA GLY C 151 -18.54 1.60 7.14
C GLY C 151 -17.90 0.66 6.14
N ALA C 152 -17.59 1.14 4.94
CA ALA C 152 -16.82 0.33 4.01
C ALA C 152 -15.38 0.15 4.51
N GLN C 153 -14.88 -1.07 4.34
CA GLN C 153 -13.57 -1.46 4.85
C GLN C 153 -12.54 -1.34 3.75
N ARG C 154 -11.46 -0.64 4.05
CA ARG C 154 -10.36 -0.50 3.10
C ARG C 154 -9.77 -1.87 2.81
N GLU C 155 -9.61 -2.18 1.54
CA GLU C 155 -9.15 -3.50 1.14
C GLU C 155 -7.81 -3.47 0.42
N GLY C 156 -7.46 -2.36 -0.22
CA GLY C 156 -6.29 -2.32 -1.07
C GLY C 156 -5.86 -0.91 -1.40
N VAL C 157 -4.59 -0.80 -1.78
CA VAL C 157 -4.04 0.45 -2.27
C VAL C 157 -3.33 0.08 -3.57
N LEU C 158 -3.92 0.48 -4.70
CA LEU C 158 -3.38 0.15 -6.01
C LEU C 158 -2.56 1.34 -6.50
N ARG C 159 -1.27 1.10 -6.73
CA ARG C 159 -0.36 2.18 -7.08
C ARG C 159 -0.42 2.46 -8.57
N ASN C 160 -0.31 3.74 -8.93
CA ASN C 160 -0.30 4.16 -10.33
C ASN C 160 -1.55 3.66 -11.05
N HIS C 161 -2.70 3.84 -10.40
CA HIS C 161 -3.93 3.24 -10.84
C HIS C 161 -4.88 4.22 -11.52
N ARG C 162 -4.57 5.51 -11.46
CA ARG C 162 -5.46 6.52 -12.04
C ARG C 162 -4.63 7.75 -12.35
N ARG C 163 -5.14 8.59 -13.23
CA ARG C 163 -4.59 9.90 -13.46
C ARG C 163 -5.54 10.94 -12.90
N LEU C 164 -5.02 11.86 -12.10
CA LEU C 164 -5.81 12.97 -11.59
C LEU C 164 -6.10 13.97 -12.71
N ALA C 165 -6.93 14.96 -12.40
CA ALA C 165 -7.41 15.90 -13.42
C ALA C 165 -6.25 16.61 -14.11
N GLY C 166 -5.21 16.98 -13.37
CA GLY C 166 -4.05 17.54 -14.05
C GLY C 166 -3.13 16.55 -14.75
N GLY C 167 -3.44 15.26 -14.71
CA GLY C 167 -2.68 14.27 -15.45
C GLY C 167 -1.74 13.42 -14.63
N ARG C 168 -1.41 13.81 -13.41
CA ARG C 168 -0.41 13.06 -12.68
C ARG C 168 -0.96 11.74 -12.16
N LEU C 169 -0.07 10.76 -12.08
CA LEU C 169 -0.40 9.45 -11.57
C LEU C 169 -0.71 9.53 -10.08
N ASP C 170 -1.66 8.72 -9.63
CA ASP C 170 -1.95 8.63 -8.20
C ASP C 170 -2.44 7.23 -7.90
N ASP C 171 -2.38 6.89 -6.62
CA ASP C 171 -2.83 5.59 -6.15
C ASP C 171 -4.35 5.60 -5.96
N THR C 172 -4.91 4.39 -5.90
CA THR C 172 -6.33 4.22 -5.68
C THR C 172 -6.53 3.45 -4.39
N PHE C 173 -7.35 3.98 -3.49
CA PHE C 173 -7.81 3.24 -2.31
C PHE C 173 -9.06 2.47 -2.70
N VAL C 174 -9.05 1.16 -2.51
CA VAL C 174 -10.20 0.31 -2.81
C VAL C 174 -10.80 -0.15 -1.50
N TYR C 175 -12.11 -0.01 -1.37
CA TYR C 175 -12.86 -0.44 -0.20
C TYR C 175 -13.95 -1.40 -0.63
N SER C 176 -14.52 -2.11 0.34
CA SER C 176 -15.70 -2.91 0.01
C SER C 176 -16.60 -3.09 1.22
N ILE C 177 -17.82 -3.49 0.92
CA ILE C 177 -18.80 -3.99 1.89
C ILE C 177 -19.21 -5.36 1.42
N THR C 178 -19.07 -6.35 2.29
CA THR C 178 -19.59 -7.69 2.01
C THR C 178 -21.05 -7.77 2.42
N ASP C 179 -21.72 -8.83 1.97
CA ASP C 179 -23.11 -9.04 2.36
C ASP C 179 -23.28 -9.23 3.87
N HIS C 180 -22.30 -9.83 4.55
CA HIS C 180 -22.45 -10.06 5.99
C HIS C 180 -22.31 -8.78 6.79
N GLU C 181 -21.49 -7.84 6.33
CA GLU C 181 -21.42 -6.55 6.97
C GLU C 181 -22.62 -5.66 6.67
N TRP C 182 -23.37 -5.96 5.61
CA TRP C 182 -24.43 -5.04 5.19
C TRP C 182 -25.45 -4.71 6.29
N PRO C 183 -25.99 -5.69 7.03
CA PRO C 183 -26.91 -5.33 8.14
C PRO C 183 -26.40 -4.20 9.01
N GLN C 184 -25.17 -4.28 9.50
CA GLN C 184 -24.65 -3.24 10.37
C GLN C 184 -24.46 -1.92 9.61
N VAL C 185 -24.01 -2.01 8.36
CA VAL C 185 -23.87 -0.78 7.58
C VAL C 185 -25.22 -0.12 7.39
N LYS C 186 -26.23 -0.92 7.05
CA LYS C 186 -27.59 -0.42 6.86
C LYS C 186 -28.10 0.25 8.13
N ALA C 187 -28.00 -0.44 9.27
CA ALA C 187 -28.50 0.12 10.52
C ALA C 187 -27.81 1.44 10.86
N ALA C 188 -26.50 1.51 10.64
CA ALA C 188 -25.77 2.73 10.99
C ALA C 188 -26.12 3.87 10.04
N LEU C 189 -26.37 3.57 8.77
CA LEU C 189 -26.88 4.59 7.85
C LEU C 189 -28.26 5.06 8.28
N GLU C 190 -29.14 4.11 8.59
CA GLU C 190 -30.49 4.44 9.02
C GLU C 190 -30.47 5.28 10.30
N ALA C 191 -29.66 4.88 11.28
CA ALA C 191 -29.58 5.65 12.52
C ALA C 191 -29.16 7.10 12.29
N SER C 192 -28.42 7.38 11.23
CA SER C 192 -27.95 8.73 10.99
C SER C 192 -28.93 9.57 10.20
N PHE C 193 -30.11 9.04 9.87
CA PHE C 193 -31.10 9.82 9.11
C PHE C 193 -32.15 10.47 10.03
N MET D 7 48.24 3.50 -0.43
CA MET D 7 47.26 4.57 -0.42
C MET D 7 45.93 4.09 0.16
N PHE D 8 44.87 4.86 -0.08
CA PHE D 8 43.50 4.45 0.20
C PHE D 8 42.74 4.45 -1.11
N LYS D 9 41.90 3.43 -1.31
CA LYS D 9 41.14 3.28 -2.55
C LYS D 9 39.68 3.00 -2.22
N PRO D 10 38.77 3.91 -2.57
CA PRO D 10 37.34 3.72 -2.25
C PRO D 10 36.73 2.66 -3.16
N LEU D 11 36.19 1.61 -2.56
CA LEU D 11 35.54 0.57 -3.33
C LEU D 11 34.08 0.45 -2.91
N PRO D 12 33.17 0.18 -3.83
CA PRO D 12 31.76 0.09 -3.45
C PRO D 12 31.54 -0.94 -2.36
N ILE D 13 30.59 -0.66 -1.48
CA ILE D 13 30.35 -1.46 -0.30
C ILE D 13 28.87 -1.42 -0.02
N THR D 14 28.32 -2.55 0.40
CA THR D 14 26.94 -2.64 0.86
C THR D 14 26.95 -2.66 2.38
N LEU D 15 26.38 -1.63 2.99
CA LEU D 15 26.31 -1.52 4.45
C LEU D 15 24.91 -1.94 4.90
N GLN D 16 24.84 -2.71 5.98
CA GLN D 16 23.53 -3.20 6.41
C GLN D 16 23.44 -3.31 7.92
N ARG D 17 22.27 -2.92 8.45
CA ARG D 17 21.88 -3.25 9.81
C ARG D 17 20.46 -3.79 9.75
N GLY D 18 20.29 -5.09 9.96
CA GLY D 18 18.97 -5.68 9.86
C GLY D 18 18.36 -5.38 8.49
N ALA D 19 17.18 -4.76 8.52
CA ALA D 19 16.43 -4.44 7.30
C ALA D 19 16.93 -3.18 6.59
N LEU D 20 17.76 -2.38 7.26
CA LEU D 20 18.32 -1.20 6.62
C LEU D 20 19.54 -1.61 5.80
N ARG D 21 19.52 -1.28 4.50
CA ARG D 21 20.64 -1.52 3.60
C ARG D 21 21.07 -0.21 2.93
N LEU D 22 22.38 -0.03 2.80
CA LEU D 22 22.95 1.04 1.99
C LEU D 22 23.67 0.33 0.85
N GLU D 23 23.07 0.33 -0.27
CA GLU D 23 23.57 -0.39 -1.41
C GLU D 23 24.31 0.57 -2.32
N PRO D 24 25.37 0.11 -2.98
CA PRO D 24 25.96 0.90 -4.05
C PRO D 24 24.90 1.20 -5.11
N LEU D 25 24.77 2.46 -5.44
CA LEU D 25 23.75 2.91 -6.38
C LEU D 25 24.03 2.35 -7.77
N VAL D 26 22.97 1.91 -8.44
CA VAL D 26 23.06 1.34 -9.78
C VAL D 26 22.00 2.00 -10.64
N GLU D 27 22.20 1.90 -11.96
CA GLU D 27 21.28 2.52 -12.93
C GLU D 27 19.83 2.14 -12.66
N ALA D 28 19.57 0.85 -12.44
CA ALA D 28 18.19 0.39 -12.19
C ALA D 28 17.53 1.07 -10.98
N ASP D 29 18.29 1.65 -10.03
CA ASP D 29 17.68 2.34 -8.90
C ASP D 29 17.13 3.71 -9.26
N ILE D 30 17.70 4.32 -10.29
CA ILE D 30 17.46 5.74 -10.53
C ILE D 30 15.98 6.03 -10.74
N PRO D 31 15.25 5.32 -11.63
CA PRO D 31 13.84 5.68 -11.83
C PRO D 31 13.00 5.56 -10.57
N GLU D 32 13.29 4.59 -9.71
CA GLU D 32 12.60 4.55 -8.43
C GLU D 32 12.94 5.76 -7.58
N LEU D 33 14.22 6.14 -7.54
CA LEU D 33 14.61 7.26 -6.68
C LEU D 33 14.02 8.57 -7.19
N VAL D 34 14.13 8.80 -8.51
CA VAL D 34 13.58 10.02 -9.06
C VAL D 34 12.08 10.03 -8.85
N SER D 35 11.44 8.87 -8.92
CA SER D 35 10.02 8.78 -8.66
C SER D 35 9.69 9.16 -7.22
N LEU D 36 10.52 8.71 -6.28
CA LEU D 36 10.32 9.06 -4.89
C LEU D 36 10.54 10.56 -4.65
N ALA D 37 11.58 11.15 -5.26
CA ALA D 37 11.86 12.57 -5.04
C ALA D 37 10.75 13.42 -5.62
N GLU D 38 10.19 12.98 -6.75
CA GLU D 38 9.13 13.72 -7.39
C GLU D 38 7.82 13.58 -6.64
N ALA D 39 7.65 12.49 -5.90
CA ALA D 39 6.57 12.42 -4.92
C ALA D 39 6.82 13.30 -3.70
N ASN D 40 8.01 13.90 -3.63
CA ASN D 40 8.51 14.62 -2.45
C ASN D 40 8.97 16.04 -2.77
N ARG D 41 8.59 16.49 -3.95
CA ARG D 41 9.08 17.74 -4.50
C ARG D 41 8.82 18.86 -3.63
N GLU D 42 7.66 18.85 -3.01
CA GLU D 42 7.35 19.87 -2.05
C GLU D 42 8.47 19.90 -1.03
N ALA D 43 8.72 18.74 -0.48
CA ALA D 43 9.75 18.57 0.50
C ALA D 43 11.15 18.90 0.05
N LEU D 44 11.61 18.28 -1.01
CA LEU D 44 12.96 18.51 -1.49
C LEU D 44 13.10 19.82 -2.23
N GLN D 45 12.45 20.80 -1.65
CA GLN D 45 12.55 22.18 -2.03
C GLN D 45 13.80 22.74 -1.30
N TYR D 46 14.38 21.92 -0.40
CA TYR D 46 15.57 22.21 0.35
C TYR D 46 16.82 21.66 -0.33
N MET D 47 16.68 20.65 -1.18
CA MET D 47 17.82 20.05 -1.88
C MET D 47 17.60 19.97 -3.37
N ASP D 48 18.60 20.35 -4.15
CA ASP D 48 18.52 20.33 -5.61
C ASP D 48 19.27 19.11 -6.13
N GLY D 49 18.64 18.30 -7.00
CA GLY D 49 19.29 17.12 -7.52
C GLY D 49 18.44 15.85 -7.53
N PRO D 50 17.81 15.51 -6.40
CA PRO D 50 17.10 14.22 -6.30
C PRO D 50 16.08 13.90 -7.40
N THR D 51 15.53 14.91 -8.08
CA THR D 51 14.50 14.67 -9.09
C THR D 51 15.06 14.62 -10.49
N ARG D 52 16.38 14.65 -10.64
CA ARG D 52 16.97 14.67 -11.96
C ARG D 52 17.79 13.40 -12.13
N PRO D 53 17.51 12.58 -13.15
CA PRO D 53 18.28 11.33 -13.31
C PRO D 53 19.76 11.57 -13.50
N ASP D 54 20.16 12.67 -14.16
CA ASP D 54 21.59 12.90 -14.37
C ASP D 54 22.33 13.22 -13.08
N TRP D 55 21.64 13.76 -12.07
CA TRP D 55 22.26 13.93 -10.75
C TRP D 55 22.77 12.60 -10.23
N TYR D 56 21.96 11.56 -10.33
CA TYR D 56 22.39 10.23 -9.95
C TYR D 56 23.54 9.75 -10.83
N ARG D 57 23.42 9.94 -12.14
CA ARG D 57 24.41 9.36 -13.04
C ARG D 57 25.74 10.09 -12.96
N GLN D 58 25.72 11.37 -12.57
CA GLN D 58 26.98 12.07 -12.31
C GLN D 58 27.68 11.51 -11.07
N SER D 59 26.92 11.20 -10.02
CA SER D 59 27.55 10.58 -8.86
C SER D 59 28.13 9.21 -9.20
N LEU D 60 27.51 8.48 -10.14
CA LEU D 60 28.10 7.23 -10.62
C LEU D 60 29.41 7.50 -11.37
N ALA D 61 29.45 8.60 -12.12
CA ALA D 61 30.71 9.04 -12.74
C ALA D 61 31.76 9.31 -11.67
N GLU D 62 31.38 10.07 -10.64
CA GLU D 62 32.27 10.31 -9.50
C GLU D 62 32.80 9.00 -8.94
N GLN D 63 31.92 8.01 -8.79
CA GLN D 63 32.38 6.71 -8.32
C GLN D 63 33.46 6.15 -9.23
N ARG D 64 33.27 6.29 -10.55
CA ARG D 64 34.26 5.77 -11.49
C ARG D 64 35.58 6.52 -11.33
N GLU D 65 35.52 7.81 -11.07
CA GLU D 65 36.72 8.59 -10.78
C GLU D 65 37.31 8.26 -9.41
N GLY D 66 36.64 7.44 -8.61
CA GLY D 66 37.06 7.19 -7.25
C GLY D 66 36.97 8.42 -6.38
N ARG D 67 35.98 9.28 -6.64
CA ARG D 67 35.76 10.49 -5.86
C ARG D 67 34.52 10.44 -4.97
N ALA D 68 33.68 9.41 -5.10
CA ALA D 68 32.49 9.31 -4.27
C ALA D 68 32.04 7.86 -4.25
N LEU D 69 31.35 7.49 -3.16
CA LEU D 69 30.66 6.20 -3.07
C LEU D 69 29.18 6.49 -2.84
N PRO D 70 28.39 6.60 -3.91
CA PRO D 70 26.97 6.92 -3.75
C PRO D 70 26.19 5.66 -3.35
N LEU D 71 25.19 5.85 -2.49
CA LEU D 71 24.46 4.72 -1.93
C LEU D 71 22.96 4.96 -2.01
N ALA D 72 22.25 3.93 -2.41
CA ALA D 72 20.79 3.94 -2.31
C ALA D 72 20.41 3.38 -0.95
N VAL D 73 19.55 4.09 -0.24
CA VAL D 73 19.08 3.68 1.07
C VAL D 73 17.83 2.82 0.90
N ARG D 74 17.88 1.61 1.42
CA ARG D 74 16.77 0.68 1.29
C ARG D 74 16.32 0.22 2.67
N LEU D 75 15.02 0.25 2.91
CA LEU D 75 14.42 -0.39 4.06
C LEU D 75 13.54 -1.51 3.55
N GLY D 76 13.84 -2.74 3.99
CA GLY D 76 13.13 -3.89 3.41
C GLY D 76 13.47 -3.97 1.93
N VAL D 77 12.44 -4.09 1.08
CA VAL D 77 12.66 -4.01 -0.35
C VAL D 77 12.57 -2.57 -0.87
N GLN D 78 12.15 -1.62 -0.05
CA GLN D 78 11.77 -0.29 -0.51
C GLN D 78 12.95 0.67 -0.47
N LEU D 79 13.21 1.35 -1.59
CA LEU D 79 14.17 2.44 -1.60
C LEU D 79 13.53 3.68 -0.99
N VAL D 80 14.27 4.36 -0.12
CA VAL D 80 13.73 5.49 0.63
C VAL D 80 14.60 6.72 0.51
N GLY D 81 15.68 6.66 -0.27
CA GLY D 81 16.52 7.83 -0.40
C GLY D 81 17.93 7.43 -0.81
N THR D 82 18.84 8.38 -0.64
CA THR D 82 20.21 8.20 -1.10
C THR D 82 21.15 9.00 -0.22
N THR D 83 22.42 8.62 -0.28
CA THR D 83 23.47 9.28 0.49
C THR D 83 24.80 8.91 -0.17
N ARG D 84 25.88 9.57 0.25
CA ARG D 84 27.16 9.21 -0.32
C ARG D 84 28.30 9.49 0.65
N PHE D 85 29.34 8.68 0.52
CA PHE D 85 30.68 9.10 0.90
C PHE D 85 31.24 9.95 -0.24
N ALA D 86 31.98 10.99 0.10
CA ALA D 86 32.61 11.84 -0.91
C ALA D 86 33.78 12.57 -0.28
N GLU D 87 34.42 13.43 -1.07
CA GLU D 87 35.50 14.29 -0.57
C GLU D 87 36.54 13.48 0.18
N PHE D 88 37.00 12.43 -0.47
CA PHE D 88 38.04 11.59 0.10
C PHE D 88 39.36 12.35 0.19
N LEU D 89 40.09 12.12 1.28
CA LEU D 89 41.45 12.60 1.44
C LEU D 89 42.28 11.33 1.62
N PRO D 90 42.72 10.73 0.51
CA PRO D 90 43.35 9.40 0.60
C PRO D 90 44.56 9.36 1.50
N ALA D 91 45.24 10.49 1.67
CA ALA D 91 46.43 10.53 2.53
C ALA D 91 46.09 10.30 3.99
N LEU D 92 44.89 10.72 4.44
CA LEU D 92 44.65 10.77 5.88
C LEU D 92 44.46 9.37 6.47
N PRO D 93 43.51 8.54 6.00
CA PRO D 93 42.37 8.77 5.12
C PRO D 93 41.21 9.40 5.90
N ALA D 94 40.42 10.17 5.16
CA ALA D 94 39.29 10.89 5.73
C ALA D 94 38.22 11.01 4.66
N CYS D 95 37.00 11.33 5.07
CA CYS D 95 36.00 11.61 4.04
C CYS D 95 34.92 12.52 4.62
N GLU D 96 33.95 12.84 3.79
CA GLU D 96 32.74 13.51 4.22
C GLU D 96 31.55 12.58 3.97
N ILE D 97 30.60 12.56 4.92
CA ILE D 97 29.28 11.97 4.74
C ILE D 97 28.30 13.08 4.41
N GLY D 98 27.39 12.83 3.48
CA GLY D 98 26.31 13.78 3.30
C GLY D 98 25.55 13.58 2.02
N TRP D 99 25.12 14.69 1.40
CA TRP D 99 24.31 14.63 0.19
C TRP D 99 23.13 13.67 0.39
N THR D 100 22.58 13.66 1.60
CA THR D 100 21.53 12.73 1.95
C THR D 100 20.16 13.32 1.64
N TRP D 101 19.32 12.53 0.99
CA TRP D 101 17.91 12.87 0.93
C TRP D 101 17.09 11.63 1.22
N LEU D 102 16.02 11.83 1.97
CA LEU D 102 15.13 10.76 2.39
C LEU D 102 13.70 11.15 2.09
N ASP D 103 12.87 10.13 1.82
CA ASP D 103 11.43 10.32 1.73
C ASP D 103 10.93 11.10 2.95
N GLN D 104 10.03 12.05 2.73
CA GLN D 104 9.63 12.96 3.81
C GLN D 104 9.00 12.21 4.98
N ALA D 105 8.33 11.08 4.73
CA ALA D 105 7.80 10.30 5.84
C ALA D 105 8.89 9.83 6.80
N GLN D 106 10.14 9.77 6.35
CA GLN D 106 11.24 9.36 7.20
C GLN D 106 11.86 10.52 7.97
N HIS D 107 11.42 11.75 7.71
CA HIS D 107 11.98 12.88 8.43
C HIS D 107 11.60 12.79 9.90
N GLY D 108 12.60 12.85 10.77
CA GLY D 108 12.37 12.68 12.19
C GLY D 108 12.24 11.24 12.64
N SER D 109 12.43 10.26 11.76
CA SER D 109 12.32 8.86 12.16
C SER D 109 13.59 8.34 12.82
N GLY D 110 14.66 9.11 12.84
CA GLY D 110 15.94 8.59 13.24
C GLY D 110 16.68 7.81 12.18
N LEU D 111 16.10 7.65 10.98
CA LEU D 111 16.80 6.97 9.89
C LEU D 111 18.13 7.63 9.61
N ASN D 112 18.17 8.95 9.72
CA ASN D 112 19.39 9.70 9.45
C ASN D 112 20.51 9.28 10.39
N ARG D 113 20.22 9.22 11.69
CA ARG D 113 21.24 8.78 12.64
C ARG D 113 21.71 7.37 12.33
N MET D 114 20.78 6.48 11.96
CA MET D 114 21.17 5.10 11.63
C MET D 114 22.03 5.04 10.37
N ILE D 115 21.71 5.85 9.35
CA ILE D 115 22.52 5.86 8.14
C ILE D 115 23.93 6.34 8.47
N LYS D 116 24.04 7.42 9.23
CA LYS D 116 25.36 7.92 9.58
C LYS D 116 26.11 6.92 10.45
N TYR D 117 25.41 6.25 11.37
CA TYR D 117 26.07 5.22 12.18
C TYR D 117 26.70 4.14 11.27
N LEU D 118 25.95 3.64 10.28
CA LEU D 118 26.51 2.63 9.39
C LEU D 118 27.70 3.16 8.59
N MET D 119 27.64 4.40 8.14
CA MET D 119 28.72 4.93 7.32
C MET D 119 29.96 5.27 8.14
N LEU D 120 29.77 5.83 9.34
CA LEU D 120 30.88 6.05 10.27
C LEU D 120 31.55 4.72 10.64
N LYS D 121 30.74 3.72 11.01
CA LYS D 121 31.27 2.40 11.32
C LYS D 121 32.15 1.87 10.19
N HIS D 122 31.67 1.95 8.95
CA HIS D 122 32.49 1.54 7.82
C HIS D 122 33.77 2.38 7.74
N ALA D 123 33.64 3.71 7.85
CA ALA D 123 34.79 4.59 7.67
C ALA D 123 35.84 4.36 8.74
N PHE D 124 35.42 4.25 10.00
CA PHE D 124 36.39 4.11 11.07
C PHE D 124 36.87 2.66 11.21
N ASP D 125 35.93 1.70 11.26
CA ASP D 125 36.31 0.34 11.55
C ASP D 125 36.93 -0.36 10.34
N ASN D 126 36.40 -0.13 9.15
CA ASN D 126 36.82 -0.89 7.97
C ASN D 126 37.75 -0.11 7.05
N LEU D 127 37.61 1.21 6.98
CA LEU D 127 38.48 2.03 6.16
C LEU D 127 39.56 2.73 6.98
N ARG D 128 39.62 2.47 8.28
CA ARG D 128 40.56 3.08 9.24
C ARG D 128 40.75 4.58 9.00
N MET D 129 39.64 5.31 8.92
CA MET D 129 39.73 6.74 8.74
C MET D 129 40.00 7.45 10.06
N VAL D 130 40.62 8.61 9.97
CA VAL D 130 40.91 9.39 11.16
C VAL D 130 39.95 10.54 11.34
N ARG D 131 39.19 10.87 10.31
CA ARG D 131 38.29 12.01 10.34
C ARG D 131 37.13 11.71 9.40
N VAL D 132 35.91 11.90 9.87
CA VAL D 132 34.74 11.94 9.01
C VAL D 132 34.06 13.29 9.22
N GLN D 133 33.79 13.99 8.13
CA GLN D 133 33.18 15.29 8.22
C GLN D 133 31.69 15.20 7.91
N LEU D 134 30.90 15.93 8.69
CA LEU D 134 29.48 16.13 8.44
C LEU D 134 29.21 17.62 8.31
N SER D 135 28.11 17.96 7.67
CA SER D 135 27.81 19.36 7.47
C SER D 135 26.30 19.50 7.31
N THR D 136 25.82 20.72 7.53
CA THR D 136 24.41 21.04 7.33
C THR D 136 24.30 22.53 7.06
N ALA D 137 23.14 22.93 6.52
CA ALA D 137 22.87 24.34 6.34
C ALA D 137 22.79 25.04 7.68
N ALA D 138 23.24 26.30 7.70
CA ALA D 138 23.20 27.10 8.93
C ALA D 138 21.78 27.37 9.38
N SER D 139 20.84 27.47 8.43
CA SER D 139 19.44 27.65 8.77
C SER D 139 18.76 26.34 9.18
N ASN D 140 19.31 25.19 8.78
CA ASN D 140 18.69 23.91 9.08
C ASN D 140 18.85 23.58 10.55
N LEU D 141 17.84 23.96 11.35
CA LEU D 141 17.99 23.91 12.80
C LEU D 141 17.92 22.47 13.32
N ARG D 142 16.94 21.69 12.85
CA ARG D 142 16.81 20.33 13.35
C ARG D 142 17.98 19.47 12.91
N ALA D 143 18.45 19.64 11.68
CA ALA D 143 19.60 18.87 11.22
C ALA D 143 20.81 19.14 12.09
N GLN D 144 21.02 20.41 12.46
CA GLN D 144 22.01 20.74 13.49
C GLN D 144 21.79 19.90 14.75
N GLY D 145 20.57 19.87 15.28
CA GLY D 145 20.33 19.14 16.51
C GLY D 145 20.56 17.65 16.37
N ALA D 146 20.27 17.10 15.19
CA ALA D 146 20.54 15.69 14.93
C ALA D 146 22.03 15.39 14.93
N ILE D 147 22.84 16.25 14.29
CA ILE D 147 24.27 16.02 14.28
C ILE D 147 24.85 16.17 15.69
N ASP D 148 24.33 17.10 16.49
CA ASP D 148 24.80 17.26 17.87
C ASP D 148 24.51 16.02 18.70
N LYS D 149 23.29 15.49 18.60
CA LYS D 149 22.97 14.25 19.30
C LYS D 149 23.79 13.09 18.76
N LEU D 150 24.27 13.20 17.52
CA LEU D 150 25.15 12.17 16.99
C LEU D 150 26.52 12.20 17.64
N GLY D 151 26.89 13.29 18.31
CA GLY D 151 28.20 13.39 18.93
C GLY D 151 29.29 14.03 18.09
N ALA D 152 28.97 14.59 16.93
CA ALA D 152 29.96 15.35 16.17
C ALA D 152 30.17 16.73 16.77
N GLN D 153 31.41 17.18 16.77
CA GLN D 153 31.78 18.54 17.21
C GLN D 153 31.72 19.51 16.04
N ARG D 154 31.12 20.68 16.27
CA ARG D 154 31.10 21.74 15.28
C ARG D 154 32.50 22.30 15.11
N GLU D 155 32.98 22.39 13.87
CA GLU D 155 34.32 22.87 13.63
C GLU D 155 34.37 24.23 12.97
N GLY D 156 33.33 24.65 12.27
CA GLY D 156 33.33 26.01 11.75
C GLY D 156 32.05 26.32 11.03
N VAL D 157 32.00 27.54 10.49
CA VAL D 157 30.89 28.04 9.68
C VAL D 157 31.45 28.55 8.37
N LEU D 158 31.07 27.91 7.28
CA LEU D 158 31.54 28.32 5.97
C LEU D 158 30.52 29.29 5.38
N ARG D 159 30.95 30.49 5.07
CA ARG D 159 30.03 31.50 4.57
C ARG D 159 29.82 31.34 3.07
N ASN D 160 28.62 31.68 2.62
CA ASN D 160 28.27 31.60 1.19
C ASN D 160 28.62 30.24 0.61
N HIS D 161 28.35 29.21 1.39
CA HIS D 161 28.80 27.87 1.03
C HIS D 161 27.65 26.98 0.56
N ARG D 162 26.47 27.49 0.54
CA ARG D 162 25.35 26.70 0.13
C ARG D 162 24.28 27.49 -0.60
N ARG D 163 23.72 26.92 -1.63
CA ARG D 163 22.67 27.57 -2.38
C ARG D 163 21.37 26.80 -2.28
N LEU D 164 20.36 27.45 -1.76
CA LEU D 164 19.07 26.85 -1.60
C LEU D 164 18.36 26.73 -2.89
N ALA D 165 17.56 25.69 -2.95
CA ALA D 165 16.77 25.29 -4.11
C ALA D 165 16.16 26.46 -4.87
N GLY D 166 15.87 27.53 -4.17
CA GLY D 166 15.34 28.72 -4.79
C GLY D 166 16.39 29.54 -5.50
N GLY D 167 17.32 30.09 -4.71
CA GLY D 167 18.43 30.92 -5.16
C GLY D 167 19.01 31.80 -4.05
N ARG D 168 18.79 31.40 -2.82
CA ARG D 168 19.26 32.13 -1.70
C ARG D 168 20.52 31.46 -1.35
N LEU D 169 21.45 32.15 -0.74
CA LEU D 169 22.69 31.58 -0.30
C LEU D 169 22.56 31.30 1.16
N ASP D 170 23.31 30.35 1.67
CA ASP D 170 23.33 30.06 3.08
C ASP D 170 24.75 29.68 3.48
N ASP D 171 24.98 29.62 4.76
CA ASP D 171 26.25 29.22 5.27
C ASP D 171 26.12 27.77 5.63
N THR D 172 27.24 27.11 5.81
CA THR D 172 27.28 25.70 6.18
C THR D 172 27.98 25.56 7.52
N PHE D 173 27.35 24.82 8.45
CA PHE D 173 28.04 24.39 9.66
C PHE D 173 28.78 23.11 9.34
N VAL D 174 30.06 23.08 9.65
CA VAL D 174 30.89 21.90 9.39
C VAL D 174 31.16 21.23 10.73
N TYR D 175 30.99 19.91 10.77
CA TYR D 175 31.26 19.11 11.96
C TYR D 175 32.21 17.99 11.61
N SER D 176 32.76 17.36 12.63
CA SER D 176 33.54 16.18 12.36
C SER D 176 33.55 15.28 13.58
N ILE D 177 33.82 14.01 13.32
CA ILE D 177 34.13 13.04 14.36
C ILE D 177 35.50 12.50 14.04
N THR D 178 36.37 12.46 15.04
CA THR D 178 37.68 11.89 14.88
C THR D 178 37.67 10.42 15.29
N ASP D 179 38.72 9.70 14.91
CA ASP D 179 38.81 8.29 15.27
C ASP D 179 38.94 8.11 16.79
N HIS D 180 39.58 9.05 17.48
CA HIS D 180 39.63 8.91 18.94
C HIS D 180 38.25 9.02 19.57
N GLU D 181 37.39 9.87 19.02
CA GLU D 181 36.04 10.04 19.54
C GLU D 181 35.10 8.91 19.13
N TRP D 182 35.44 8.16 18.08
CA TRP D 182 34.47 7.20 17.53
C TRP D 182 34.05 6.12 18.52
N PRO D 183 34.93 5.52 19.33
CA PRO D 183 34.46 4.42 20.19
C PRO D 183 33.36 4.85 21.15
N GLN D 184 33.45 6.06 21.71
CA GLN D 184 32.38 6.50 22.58
C GLN D 184 31.15 6.94 21.78
N VAL D 185 31.35 7.64 20.67
CA VAL D 185 30.25 7.96 19.77
C VAL D 185 29.54 6.69 19.32
N LYS D 186 30.32 5.67 18.97
CA LYS D 186 29.74 4.42 18.51
C LYS D 186 28.88 3.78 19.60
N ALA D 187 29.39 3.75 20.83
CA ALA D 187 28.65 3.14 21.92
C ALA D 187 27.32 3.86 22.18
N ALA D 188 27.34 5.18 22.26
CA ALA D 188 26.10 5.88 22.55
C ALA D 188 25.11 5.73 21.41
N LEU D 189 25.60 5.56 20.18
CA LEU D 189 24.69 5.30 19.07
C LEU D 189 24.05 3.92 19.21
N GLU D 190 24.84 2.88 19.48
CA GLU D 190 24.27 1.55 19.63
C GLU D 190 23.38 1.47 20.86
N ALA D 191 23.69 2.25 21.89
CA ALA D 191 22.84 2.27 23.07
C ALA D 191 21.51 2.96 22.79
N SER D 192 21.51 4.00 21.94
CA SER D 192 20.19 4.57 21.67
C SER D 192 19.27 3.61 20.86
N PHE D 193 19.63 2.33 20.71
CA PHE D 193 18.71 1.27 20.35
C PHE D 193 19.28 -0.04 20.90
N THR D 194 18.85 -0.41 22.12
CA THR D 194 17.60 -0.01 22.77
C THR D 194 17.66 1.00 23.95
N GLY D 195 18.63 0.83 24.85
CA GLY D 195 18.70 1.67 26.02
C GLY D 195 20.07 1.67 26.68
#